data_8D3G
#
_entry.id   8D3G
#
_cell.length_a   88.296
_cell.length_b   110.969
_cell.length_c   114.773
_cell.angle_alpha   90.000
_cell.angle_beta   90.000
_cell.angle_gamma   90.000
#
_symmetry.space_group_name_H-M   'P 21 21 21'
#
loop_
_entity.id
_entity.type
_entity.pdbx_description
1 polymer 'Apoptosis-inducing factor 1, mitochondrial'
2 non-polymer 'FLAVIN-ADENINE DINUCLEOTIDE'
3 non-polymer 6-chloroquinolin-4-amine
4 non-polymer 1,2-ETHANEDIOL
5 water water
#
_entity_poly.entity_id   1
_entity_poly.type   'polypeptide(L)'
_entity_poly.pdbx_seq_one_letter_code
;MVGAGAYAYKTMKEDEKRYNERISGLGLTPEQKQKKAALSASEGEEVPQDKAPSHVPFLLIGGGTAAFAAARSIRARDPG
ARVLIVSEDPELPYMRPPLSKELWFSDDPNVTKTLRFKQANGKERSIYFQPPSFYVSAQDLPHIENGGVAVLTGKKVVQL
DVRDNMVKLNDGSQITYEKCLIATGGTPRSLSAIDRAGAEVKSRTTLFRKIGDFRSLEKISREVKSITIIGGGFLGSELA
CALGRKARALGTEVIQLFPEKGNMGKILPEYLSNWTMEKVRREGVKVMPNAIVQSVGVSSGKLLIKLKDGRKVETDHIVA
AVGLEPNVELAKTGGLEIDSDFGGFRVNAELQARSNIWVAGDAA(CSX)FYDIKLGRRRVEHHDHAVVSGRLAGENMTGA
AKPYWHQSMFWSDLGPDVGYEAIGLVDSSLPTVGVFAKATAQDNPKSATEQSGTGIRSESETESEASEITIPPSTPAVPQ
APVQGEDYGKGVIFYLRDKVVVGIVLWNIFNRMPIARKIIKDGEQHEDLNEVAKLFNIHEDLEVLFQ
;
_entity_poly.pdbx_strand_id   A,B
#
loop_
_chem_comp.id
_chem_comp.type
_chem_comp.name
_chem_comp.formula
EDO non-polymer 1,2-ETHANEDIOL 'C2 H6 O2'
FAD non-polymer 'FLAVIN-ADENINE DINUCLEOTIDE' 'C27 H33 N9 O15 P2'
QD1 non-polymer 6-chloroquinolin-4-amine 'C9 H7 Cl N2'
#
# COMPACT_ATOMS: atom_id res chain seq x y z
N ALA A 52 -5.03 -35.05 6.19
CA ALA A 52 -4.89 -33.96 5.22
C ALA A 52 -6.17 -33.79 4.40
N PRO A 53 -7.14 -33.06 4.96
CA PRO A 53 -8.41 -32.87 4.23
C PRO A 53 -8.21 -32.17 2.90
N SER A 54 -9.13 -32.43 1.97
CA SER A 54 -9.10 -31.78 0.68
C SER A 54 -9.82 -30.43 0.70
N HIS A 55 -10.76 -30.23 1.62
CA HIS A 55 -11.42 -28.95 1.80
C HIS A 55 -11.62 -28.70 3.29
N VAL A 56 -11.48 -27.44 3.68
CA VAL A 56 -11.66 -27.02 5.07
C VAL A 56 -12.20 -25.60 5.08
N PRO A 57 -13.20 -25.28 5.92
CA PRO A 57 -13.72 -23.89 5.91
C PRO A 57 -12.68 -22.84 6.22
N PHE A 58 -11.93 -22.99 7.31
CA PHE A 58 -10.94 -22.02 7.74
C PHE A 58 -9.55 -22.63 7.66
N LEU A 59 -8.67 -22.03 6.86
CA LEU A 59 -7.30 -22.48 6.70
C LEU A 59 -6.37 -21.40 7.24
N LEU A 60 -5.48 -21.78 8.15
CA LEU A 60 -4.50 -20.87 8.72
C LEU A 60 -3.12 -21.38 8.34
N ILE A 61 -2.36 -20.56 7.62
CA ILE A 61 -1.04 -20.95 7.13
C ILE A 61 -0.01 -20.47 8.14
N GLY A 62 0.70 -21.42 8.76
CA GLY A 62 1.63 -21.13 9.83
C GLY A 62 1.04 -21.52 11.17
N GLY A 63 1.82 -22.20 12.02
CA GLY A 63 1.30 -22.70 13.27
C GLY A 63 1.85 -22.02 14.51
N GLY A 64 1.96 -20.69 14.47
CA GLY A 64 2.55 -19.93 15.53
C GLY A 64 1.52 -19.20 16.39
N THR A 65 1.94 -18.07 16.95
CA THR A 65 1.10 -17.34 17.90
C THR A 65 -0.10 -16.70 17.22
N ALA A 66 0.12 -16.07 16.06
CA ALA A 66 -0.99 -15.43 15.37
C ALA A 66 -2.03 -16.44 14.90
N ALA A 67 -1.58 -17.59 14.40
CA ALA A 67 -2.51 -18.61 13.92
C ALA A 67 -3.36 -19.13 15.06
N PHE A 68 -2.73 -19.45 16.20
CA PHE A 68 -3.48 -20.00 17.32
C PHE A 68 -4.51 -18.99 17.83
N ALA A 69 -4.09 -17.73 18.00
CA ALA A 69 -5.02 -16.72 18.47
C ALA A 69 -6.21 -16.57 17.52
N ALA A 70 -5.98 -16.69 16.22
CA ALA A 70 -7.07 -16.59 15.26
C ALA A 70 -8.01 -17.81 15.34
N ALA A 71 -7.45 -18.99 15.58
CA ALA A 71 -8.28 -20.18 15.73
C ALA A 71 -9.19 -20.05 16.95
N ARG A 72 -8.64 -19.61 18.08
CA ARG A 72 -9.45 -19.41 19.27
C ARG A 72 -10.50 -18.33 19.04
N SER A 73 -10.17 -17.32 18.22
CA SER A 73 -11.13 -16.26 17.95
C SER A 73 -12.23 -16.72 17.02
N ILE A 74 -11.88 -17.50 15.99
CA ILE A 74 -12.88 -18.05 15.08
C ILE A 74 -13.83 -18.99 15.81
N ARG A 75 -13.29 -19.81 16.71
CA ARG A 75 -14.15 -20.73 17.47
C ARG A 75 -15.06 -19.99 18.43
N ALA A 76 -14.60 -18.86 18.96
CA ALA A 76 -15.42 -18.10 19.91
C ALA A 76 -16.63 -17.50 19.22
N ARG A 77 -16.52 -17.18 17.94
CA ARG A 77 -17.60 -16.55 17.20
C ARG A 77 -18.39 -17.51 16.33
N ASP A 78 -17.82 -18.65 15.95
CA ASP A 78 -18.51 -19.69 15.19
C ASP A 78 -18.33 -20.99 15.96
N PRO A 79 -19.20 -21.27 16.94
CA PRO A 79 -18.96 -22.43 17.82
C PRO A 79 -18.80 -23.76 17.12
N GLY A 80 -19.19 -23.87 15.85
CA GLY A 80 -19.00 -25.12 15.13
C GLY A 80 -17.93 -25.04 14.06
N ALA A 81 -17.06 -24.05 14.16
CA ALA A 81 -16.06 -23.83 13.12
C ALA A 81 -15.11 -25.02 13.01
N ARG A 82 -14.65 -25.27 11.80
CA ARG A 82 -13.66 -26.31 11.50
C ARG A 82 -12.42 -25.60 10.97
N VAL A 83 -11.40 -25.52 11.82
CA VAL A 83 -10.19 -24.73 11.55
C VAL A 83 -9.01 -25.68 11.39
N LEU A 84 -8.26 -25.50 10.29
CA LEU A 84 -7.07 -26.29 10.02
C LEU A 84 -5.84 -25.39 10.03
N ILE A 85 -4.87 -25.72 10.85
CA ILE A 85 -3.57 -25.06 10.88
C ILE A 85 -2.58 -25.95 10.14
N VAL A 86 -1.88 -25.38 9.19
CA VAL A 86 -0.81 -26.07 8.45
C VAL A 86 0.50 -25.44 8.89
N SER A 87 1.36 -26.24 9.54
CA SER A 87 2.61 -25.75 10.11
C SER A 87 3.78 -26.56 9.58
N GLU A 88 4.81 -25.88 9.10
CA GLU A 88 6.03 -26.55 8.67
C GLU A 88 6.87 -27.03 9.85
N ASP A 89 6.74 -26.40 11.01
CA ASP A 89 7.43 -26.88 12.20
C ASP A 89 6.80 -28.20 12.66
N PRO A 90 7.60 -29.13 13.18
CA PRO A 90 7.03 -30.38 13.68
C PRO A 90 6.31 -30.24 15.01
N GLU A 91 6.49 -29.13 15.72
CA GLU A 91 5.88 -28.94 17.02
C GLU A 91 4.53 -28.23 16.90
N LEU A 92 3.66 -28.48 17.88
CA LEU A 92 2.39 -27.82 17.92
C LEU A 92 2.59 -26.35 18.30
N PRO A 93 1.58 -25.51 18.07
CA PRO A 93 1.73 -24.08 18.36
C PRO A 93 2.28 -23.82 19.76
N TYR A 94 3.29 -22.97 19.84
CA TYR A 94 3.89 -22.62 21.12
C TYR A 94 4.35 -21.17 21.10
N MET A 95 4.49 -20.61 22.29
CA MET A 95 4.95 -19.24 22.44
C MET A 95 6.47 -19.20 22.56
N ARG A 96 7.06 -18.13 22.05
CA ARG A 96 8.51 -18.04 21.90
C ARG A 96 9.22 -17.27 23.01
N PRO A 97 8.58 -16.33 23.72
CA PRO A 97 9.31 -15.52 24.71
C PRO A 97 10.08 -16.37 25.72
N PRO A 98 9.52 -17.47 26.22
CA PRO A 98 10.25 -18.27 27.21
C PRO A 98 11.57 -18.84 26.70
N LEU A 99 11.76 -18.88 25.37
CA LEU A 99 12.98 -19.47 24.81
C LEU A 99 14.22 -18.59 25.02
N SER A 100 14.03 -17.32 25.38
CA SER A 100 15.14 -16.43 25.68
C SER A 100 15.09 -15.95 27.13
N LYS A 101 14.17 -16.47 27.94
CA LYS A 101 14.02 -15.98 29.30
C LYS A 101 13.81 -17.12 30.30
N GLU A 102 12.55 -17.47 30.58
CA GLU A 102 12.26 -18.35 31.71
C GLU A 102 12.88 -19.73 31.56
N LEU A 103 12.92 -20.26 30.33
CA LEU A 103 13.49 -21.59 30.14
C LEU A 103 14.98 -21.64 30.42
N TRP A 104 15.66 -20.48 30.47
CA TRP A 104 17.07 -20.45 30.82
C TRP A 104 17.29 -20.34 32.32
N PHE A 105 16.32 -19.84 33.08
CA PHE A 105 16.47 -19.62 34.51
C PHE A 105 15.66 -20.62 35.34
N SER A 106 15.53 -21.84 34.83
CA SER A 106 14.76 -22.88 35.50
C SER A 106 15.70 -23.81 36.26
N ASP A 107 15.28 -24.17 37.48
CA ASP A 107 16.07 -25.10 38.28
C ASP A 107 15.97 -26.53 37.78
N ASP A 108 14.93 -26.85 37.02
CA ASP A 108 14.76 -28.20 36.50
C ASP A 108 15.81 -28.44 35.41
N PRO A 109 16.66 -29.47 35.54
CA PRO A 109 17.64 -29.76 34.49
C PRO A 109 17.04 -30.45 33.27
N ASN A 110 15.73 -30.71 33.26
CA ASN A 110 15.05 -31.35 32.14
C ASN A 110 14.12 -30.38 31.42
N VAL A 111 14.41 -29.08 31.49
CA VAL A 111 13.59 -28.08 30.80
C VAL A 111 13.69 -28.30 29.29
N THR A 112 14.86 -28.71 28.81
CA THR A 112 15.02 -29.00 27.39
C THR A 112 14.10 -30.13 26.93
N LYS A 113 13.59 -30.93 27.86
CA LYS A 113 12.66 -32.01 27.54
C LYS A 113 11.22 -31.66 27.89
N THR A 114 10.98 -31.10 29.08
CA THR A 114 9.63 -30.81 29.52
C THR A 114 9.08 -29.52 28.91
N LEU A 115 9.94 -28.52 28.70
CA LEU A 115 9.53 -27.23 28.16
C LEU A 115 8.50 -26.54 29.06
N ARG A 116 8.68 -26.68 30.37
CA ARG A 116 7.83 -26.04 31.37
C ARG A 116 8.66 -25.01 32.13
N PHE A 117 7.99 -23.98 32.65
CA PHE A 117 8.68 -22.91 33.35
C PHE A 117 7.75 -22.26 34.35
N LYS A 118 8.35 -21.48 35.25
CA LYS A 118 7.63 -20.75 36.29
C LYS A 118 7.57 -19.27 35.92
N GLN A 119 6.50 -18.62 36.34
CA GLN A 119 6.31 -17.19 36.08
C GLN A 119 6.63 -16.35 37.30
N LYS A 123 3.51 -19.61 39.35
CA LYS A 123 2.63 -20.37 38.47
C LYS A 123 3.44 -21.06 37.37
N GLU A 124 3.38 -22.39 37.35
CA GLU A 124 4.08 -23.20 36.35
C GLU A 124 3.19 -23.39 35.13
N ARG A 125 3.81 -23.38 33.95
CA ARG A 125 3.06 -23.57 32.70
C ARG A 125 4.00 -24.08 31.61
N SER A 126 3.39 -24.56 30.54
CA SER A 126 4.10 -25.02 29.36
C SER A 126 4.16 -23.90 28.31
N ILE A 127 5.13 -24.02 27.39
CA ILE A 127 5.18 -23.05 26.31
C ILE A 127 4.11 -23.31 25.25
N TYR A 128 3.56 -24.53 25.20
CA TYR A 128 2.48 -24.80 24.26
C TYR A 128 1.21 -24.07 24.69
N PHE A 129 0.47 -23.56 23.70
CA PHE A 129 -0.71 -22.76 24.01
C PHE A 129 -1.81 -23.59 24.65
N GLN A 130 -1.94 -24.86 24.26
CA GLN A 130 -2.91 -25.76 24.86
C GLN A 130 -2.37 -27.17 24.74
N PRO A 131 -2.87 -28.11 25.54
CA PRO A 131 -2.34 -29.48 25.48
C PRO A 131 -2.74 -30.15 24.19
N PRO A 132 -1.98 -31.16 23.73
CA PRO A 132 -2.29 -31.78 22.44
C PRO A 132 -3.69 -32.36 22.36
N SER A 133 -4.29 -32.74 23.48
CA SER A 133 -5.60 -33.37 23.46
C SER A 133 -6.69 -32.41 23.02
N PHE A 134 -6.47 -31.10 23.12
CA PHE A 134 -7.50 -30.13 22.73
C PHE A 134 -7.65 -29.97 21.22
N TYR A 135 -6.69 -30.44 20.44
CA TYR A 135 -6.83 -30.41 18.98
C TYR A 135 -7.57 -31.67 18.52
N VAL A 136 -8.18 -31.56 17.35
CA VAL A 136 -8.79 -32.71 16.70
C VAL A 136 -7.87 -33.15 15.57
N SER A 137 -7.96 -34.42 15.21
CA SER A 137 -7.18 -34.95 14.10
C SER A 137 -7.60 -34.29 12.80
N ALA A 138 -6.63 -34.14 11.89
CA ALA A 138 -6.94 -33.61 10.57
C ALA A 138 -7.87 -34.54 9.81
N GLN A 139 -7.78 -35.85 10.05
CA GLN A 139 -8.70 -36.80 9.41
C GLN A 139 -10.09 -36.73 10.00
N ASP A 140 -10.24 -36.27 11.24
CA ASP A 140 -11.53 -36.15 11.91
C ASP A 140 -12.06 -34.72 11.91
N LEU A 141 -11.38 -33.79 11.24
CA LEU A 141 -11.81 -32.38 11.28
C LEU A 141 -13.15 -32.18 10.57
N PRO A 142 -13.37 -32.70 9.36
CA PRO A 142 -14.67 -32.47 8.70
C PRO A 142 -15.83 -33.26 9.28
N HIS A 143 -15.58 -34.17 10.23
CA HIS A 143 -16.63 -35.03 10.77
C HIS A 143 -16.95 -34.77 12.24
N ILE A 144 -15.97 -34.35 13.04
CA ILE A 144 -16.18 -34.20 14.48
C ILE A 144 -17.40 -33.32 14.73
N GLU A 145 -18.14 -33.64 15.78
CA GLU A 145 -19.30 -32.84 16.14
C GLU A 145 -18.83 -31.52 16.78
N ASN A 146 -19.47 -30.43 16.37
CA ASN A 146 -19.13 -29.08 16.83
C ASN A 146 -17.77 -28.63 16.32
N GLY A 147 -17.26 -29.26 15.26
CA GLY A 147 -16.01 -28.88 14.66
C GLY A 147 -14.85 -28.93 15.66
N GLY A 148 -13.83 -28.13 15.37
CA GLY A 148 -12.66 -28.06 16.22
C GLY A 148 -11.50 -27.47 15.46
N VAL A 149 -10.31 -27.62 16.04
CA VAL A 149 -9.06 -27.10 15.47
C VAL A 149 -8.09 -28.26 15.31
N ALA A 150 -7.59 -28.44 14.08
CA ALA A 150 -6.61 -29.46 13.77
C ALA A 150 -5.33 -28.79 13.30
N VAL A 151 -4.20 -29.45 13.55
CA VAL A 151 -2.89 -28.93 13.18
C VAL A 151 -2.19 -29.99 12.32
N LEU A 152 -1.86 -29.61 11.09
CA LEU A 152 -1.13 -30.49 10.18
C LEU A 152 0.35 -30.12 10.28
N THR A 153 1.05 -30.76 11.21
CA THR A 153 2.46 -30.45 11.44
C THR A 153 3.35 -31.07 10.37
N GLY A 154 4.53 -30.50 10.22
CA GLY A 154 5.49 -31.03 9.27
C GLY A 154 5.14 -30.80 7.82
N LYS A 155 4.28 -29.81 7.52
CA LYS A 155 3.86 -29.52 6.16
C LYS A 155 4.02 -28.03 5.90
N LYS A 156 4.56 -27.69 4.73
CA LYS A 156 4.75 -26.31 4.31
C LYS A 156 3.85 -26.01 3.11
N VAL A 157 3.07 -24.94 3.22
CA VAL A 157 2.34 -24.44 2.06
C VAL A 157 3.34 -23.80 1.11
N VAL A 158 3.47 -24.37 -0.09
CA VAL A 158 4.44 -23.90 -1.07
C VAL A 158 3.80 -23.19 -2.25
N GLN A 159 2.48 -23.21 -2.37
CA GLN A 159 1.81 -22.56 -3.49
C GLN A 159 0.44 -22.08 -3.04
N LEU A 160 0.09 -20.86 -3.44
CA LEU A 160 -1.18 -20.24 -3.09
C LEU A 160 -1.91 -19.83 -4.36
N ASP A 161 -3.09 -20.38 -4.57
CA ASP A 161 -3.92 -20.09 -5.75
C ASP A 161 -5.13 -19.31 -5.26
N VAL A 162 -5.06 -17.98 -5.37
CA VAL A 162 -6.08 -17.13 -4.79
C VAL A 162 -7.41 -17.29 -5.52
N ARG A 163 -7.39 -17.30 -6.85
CA ARG A 163 -8.64 -17.34 -7.60
C ARG A 163 -9.41 -18.62 -7.33
N ASP A 164 -8.71 -19.74 -7.10
CA ASP A 164 -9.34 -21.02 -6.84
C ASP A 164 -9.45 -21.35 -5.36
N ASN A 165 -9.02 -20.45 -4.47
CA ASN A 165 -9.09 -20.67 -3.03
C ASN A 165 -8.43 -22.00 -2.66
N MET A 166 -7.20 -22.19 -3.15
CA MET A 166 -6.53 -23.48 -3.03
C MET A 166 -5.06 -23.27 -2.67
N VAL A 167 -4.52 -24.19 -1.89
CA VAL A 167 -3.09 -24.22 -1.57
C VAL A 167 -2.56 -25.60 -1.90
N LYS A 168 -1.26 -25.67 -2.18
CA LYS A 168 -0.56 -26.92 -2.42
C LYS A 168 0.55 -27.07 -1.40
N LEU A 169 0.57 -28.20 -0.70
CA LEU A 169 1.59 -28.43 0.31
C LEU A 169 2.85 -28.98 -0.34
N ASN A 170 3.92 -29.06 0.46
CA ASN A 170 5.21 -29.50 -0.04
C ASN A 170 5.18 -30.94 -0.51
N ASP A 171 4.21 -31.74 -0.07
CA ASP A 171 4.10 -33.13 -0.47
C ASP A 171 3.20 -33.34 -1.68
N GLY A 172 2.67 -32.26 -2.26
CA GLY A 172 1.75 -32.36 -3.38
C GLY A 172 0.29 -32.28 -3.01
N SER A 173 -0.05 -32.40 -1.72
CA SER A 173 -1.43 -32.31 -1.29
C SER A 173 -2.02 -30.96 -1.69
N GLN A 174 -3.31 -30.96 -2.00
CA GLN A 174 -4.03 -29.75 -2.34
C GLN A 174 -5.23 -29.61 -1.41
N ILE A 175 -5.39 -28.42 -0.84
CA ILE A 175 -6.48 -28.11 0.08
C ILE A 175 -7.18 -26.85 -0.41
N THR A 176 -8.51 -26.92 -0.53
CA THR A 176 -9.32 -25.75 -0.80
C THR A 176 -9.89 -25.19 0.50
N TYR A 177 -10.07 -23.88 0.54
CA TYR A 177 -10.57 -23.20 1.72
C TYR A 177 -11.70 -22.26 1.31
N GLU A 178 -12.46 -21.84 2.32
CA GLU A 178 -13.41 -20.76 2.16
C GLU A 178 -12.87 -19.44 2.67
N LYS A 179 -12.03 -19.48 3.71
CA LYS A 179 -11.41 -18.28 4.25
C LYS A 179 -10.02 -18.65 4.76
N CYS A 180 -9.03 -17.84 4.41
CA CYS A 180 -7.63 -18.18 4.69
C CYS A 180 -6.94 -17.07 5.46
N LEU A 181 -6.07 -17.47 6.39
CA LEU A 181 -5.22 -16.54 7.13
C LEU A 181 -3.77 -16.90 6.87
N ILE A 182 -2.98 -15.92 6.47
CA ILE A 182 -1.55 -16.06 6.33
C ILE A 182 -0.90 -15.55 7.60
N ALA A 183 -0.25 -16.45 8.34
CA ALA A 183 0.43 -16.12 9.58
C ALA A 183 1.78 -16.82 9.60
N THR A 184 2.60 -16.52 8.59
CA THR A 184 3.86 -17.24 8.40
C THR A 184 5.02 -16.69 9.22
N GLY A 185 4.83 -15.58 9.94
CA GLY A 185 5.92 -15.05 10.73
C GLY A 185 7.09 -14.63 9.86
N GLY A 186 8.31 -14.88 10.37
CA GLY A 186 9.51 -14.50 9.66
C GLY A 186 10.69 -15.38 10.02
N THR A 187 11.73 -15.29 9.19
CA THR A 187 12.97 -16.02 9.38
C THR A 187 14.06 -15.10 9.90
N PRO A 188 14.92 -15.56 10.82
CA PRO A 188 16.00 -14.68 11.29
C PRO A 188 16.91 -14.26 10.16
N ARG A 189 17.24 -12.96 10.13
CA ARG A 189 18.21 -12.47 9.17
C ARG A 189 19.62 -12.94 9.55
N SER A 190 20.45 -13.10 8.54
CA SER A 190 21.86 -13.43 8.71
C SER A 190 22.72 -12.23 8.33
N LEU A 191 23.99 -12.30 8.70
CA LEU A 191 24.97 -11.30 8.32
C LEU A 191 25.64 -11.70 7.03
N SER A 192 25.88 -10.71 6.16
CA SER A 192 26.63 -10.98 4.95
C SER A 192 28.02 -11.52 5.26
N ALA A 193 28.63 -11.05 6.36
CA ALA A 193 29.94 -11.55 6.74
C ALA A 193 29.90 -13.04 7.04
N ILE A 194 28.80 -13.51 7.64
CA ILE A 194 28.70 -14.94 7.95
C ILE A 194 28.38 -15.74 6.69
N ASP A 195 27.56 -15.17 5.79
CA ASP A 195 27.25 -15.86 4.55
C ASP A 195 28.47 -15.96 3.65
N ARG A 196 29.29 -14.89 3.60
CA ARG A 196 30.51 -14.96 2.80
C ARG A 196 31.51 -15.94 3.40
N ALA A 197 31.42 -16.20 4.69
CA ALA A 197 32.32 -17.15 5.33
C ALA A 197 32.03 -18.57 4.83
N GLY A 198 32.76 -19.54 5.38
CA GLY A 198 32.64 -20.92 4.98
C GLY A 198 31.70 -21.71 5.86
N ALA A 199 31.71 -23.03 5.65
CA ALA A 199 30.86 -23.92 6.43
C ALA A 199 31.33 -24.02 7.87
N GLU A 200 32.65 -23.93 8.11
CA GLU A 200 33.14 -23.95 9.49
C GLU A 200 32.54 -22.81 10.31
N VAL A 201 32.35 -21.65 9.69
CA VAL A 201 31.76 -20.53 10.39
C VAL A 201 30.25 -20.70 10.48
N LYS A 202 29.61 -21.07 9.36
CA LYS A 202 28.15 -21.20 9.35
C LYS A 202 27.68 -22.25 10.35
N SER A 203 28.44 -23.33 10.51
CA SER A 203 28.06 -24.38 11.45
C SER A 203 28.24 -23.97 12.90
N ARG A 204 29.01 -22.92 13.17
CA ARG A 204 29.20 -22.39 14.51
C ARG A 204 28.46 -21.08 14.72
N THR A 205 27.43 -20.81 13.92
CA THR A 205 26.58 -19.64 14.03
C THR A 205 25.14 -20.08 14.24
N THR A 206 24.48 -19.51 15.24
CA THR A 206 23.11 -19.89 15.60
C THR A 206 22.15 -18.75 15.28
N LEU A 207 21.04 -19.07 14.62
CA LEU A 207 19.94 -18.15 14.37
C LEU A 207 18.80 -18.57 15.29
N PHE A 208 18.63 -17.81 16.38
CA PHE A 208 17.77 -18.21 17.49
C PHE A 208 16.33 -17.79 17.24
N ARG A 209 15.41 -18.77 17.19
CA ARG A 209 13.99 -18.48 17.03
C ARG A 209 13.10 -19.62 17.53
N LYS A 210 13.45 -20.86 17.22
CA LYS A 210 12.59 -22.01 17.45
C LYS A 210 13.09 -22.84 18.63
N ILE A 211 12.27 -23.83 19.03
CA ILE A 211 12.64 -24.71 20.14
C ILE A 211 13.97 -25.39 19.89
N GLY A 212 14.21 -25.84 18.66
CA GLY A 212 15.47 -26.50 18.36
C GLY A 212 16.68 -25.61 18.57
N ASP A 213 16.50 -24.30 18.38
CA ASP A 213 17.60 -23.37 18.59
C ASP A 213 17.91 -23.23 20.08
N PHE A 214 16.88 -23.23 20.92
CA PHE A 214 17.09 -23.18 22.36
C PHE A 214 17.85 -24.42 22.83
N ARG A 215 17.46 -25.59 22.34
CA ARG A 215 18.14 -26.83 22.72
C ARG A 215 19.57 -26.85 22.20
N SER A 216 19.78 -26.45 20.95
CA SER A 216 21.12 -26.46 20.39
C SER A 216 22.04 -25.50 21.13
N LEU A 217 21.55 -24.29 21.42
CA LEU A 217 22.38 -23.30 22.08
C LEU A 217 22.63 -23.65 23.54
N GLU A 218 21.60 -24.18 24.22
CA GLU A 218 21.78 -24.59 25.61
C GLU A 218 22.86 -25.64 25.72
N LYS A 219 22.96 -26.55 24.74
CA LYS A 219 24.04 -27.52 24.74
C LYS A 219 25.39 -26.85 24.53
N ILE A 220 25.45 -25.84 23.66
CA ILE A 220 26.71 -25.15 23.40
C ILE A 220 27.18 -24.42 24.64
N SER A 221 26.26 -23.76 25.35
CA SER A 221 26.65 -23.00 26.53
C SER A 221 27.32 -23.88 27.60
N ARG A 222 27.12 -25.19 27.54
CA ARG A 222 27.74 -26.12 28.48
C ARG A 222 28.99 -26.79 27.93
N GLU A 223 29.43 -26.41 26.73
CA GLU A 223 30.52 -27.13 26.07
C GLU A 223 31.65 -26.19 25.64
N VAL A 224 31.33 -24.94 25.36
CA VAL A 224 32.31 -23.98 24.84
C VAL A 224 32.64 -22.98 25.94
N LYS A 225 33.75 -22.28 25.74
CA LYS A 225 34.24 -21.32 26.71
C LYS A 225 33.84 -19.88 26.41
N SER A 226 33.47 -19.57 25.16
CA SER A 226 33.16 -18.20 24.76
C SER A 226 32.07 -18.20 23.70
N ILE A 227 31.04 -17.39 23.92
CA ILE A 227 29.95 -17.21 22.97
C ILE A 227 29.77 -15.73 22.71
N THR A 228 29.62 -15.36 21.44
CA THR A 228 29.47 -13.97 21.03
C THR A 228 28.07 -13.75 20.46
N ILE A 229 27.37 -12.77 21.00
CA ILE A 229 26.05 -12.38 20.52
C ILE A 229 26.21 -11.14 19.65
N ILE A 230 25.70 -11.20 18.43
CA ILE A 230 25.71 -10.06 17.52
C ILE A 230 24.28 -9.53 17.43
N GLY A 231 24.10 -8.29 17.87
CA GLY A 231 22.78 -7.69 17.90
C GLY A 231 22.43 -7.11 19.24
N GLY A 232 21.92 -5.87 19.26
CA GLY A 232 21.65 -5.19 20.50
C GLY A 232 20.19 -4.98 20.79
N GLY A 233 19.32 -5.71 20.09
CA GLY A 233 17.89 -5.61 20.29
C GLY A 233 17.43 -6.45 21.47
N PHE A 234 16.12 -6.69 21.51
CA PHE A 234 15.55 -7.52 22.57
C PHE A 234 16.19 -8.90 22.60
N LEU A 235 16.16 -9.60 21.47
CA LEU A 235 16.62 -10.98 21.46
C LEU A 235 18.10 -11.08 21.82
N GLY A 236 18.93 -10.23 21.22
CA GLY A 236 20.35 -10.24 21.55
C GLY A 236 20.60 -9.89 23.00
N SER A 237 19.85 -8.93 23.54
CA SER A 237 20.06 -8.51 24.92
C SER A 237 19.59 -9.59 25.91
N GLU A 238 18.43 -10.20 25.64
CA GLU A 238 17.91 -11.20 26.55
C GLU A 238 18.74 -12.47 26.54
N LEU A 239 19.31 -12.84 25.38
CA LEU A 239 20.20 -13.99 25.34
C LEU A 239 21.51 -13.69 26.03
N ALA A 240 21.93 -12.42 26.06
CA ALA A 240 23.14 -12.06 26.77
C ALA A 240 22.97 -12.25 28.27
N CYS A 241 21.88 -11.72 28.84
CA CYS A 241 21.63 -11.93 30.26
C CYS A 241 21.47 -13.41 30.57
N ALA A 242 20.72 -14.14 29.72
CA ALA A 242 20.51 -15.56 29.97
C ALA A 242 21.82 -16.34 29.91
N LEU A 243 22.65 -16.05 28.91
CA LEU A 243 23.94 -16.74 28.82
C LEU A 243 24.92 -16.23 29.87
N GLY A 244 24.78 -14.96 30.29
CA GLY A 244 25.66 -14.44 31.31
C GLY A 244 25.49 -15.13 32.65
N ARG A 245 24.25 -15.38 33.05
CA ARG A 245 24.01 -16.14 34.28
C ARG A 245 24.59 -17.54 34.17
N LYS A 246 24.34 -18.22 33.05
CA LYS A 246 24.91 -19.55 32.87
C LYS A 246 26.43 -19.50 32.84
N ALA A 247 27.00 -18.36 32.45
CA ALA A 247 28.46 -18.26 32.36
C ALA A 247 29.09 -17.91 33.70
N ARG A 248 28.39 -17.16 34.56
CA ARG A 248 28.92 -16.83 35.87
C ARG A 248 28.99 -18.05 36.79
N ALA A 249 28.41 -19.18 36.38
CA ALA A 249 28.51 -20.42 37.13
C ALA A 249 29.55 -21.37 36.55
N LEU A 250 29.62 -21.48 35.23
CA LEU A 250 30.57 -22.34 34.56
C LEU A 250 31.92 -21.67 34.33
N GLY A 251 32.04 -20.38 34.59
CA GLY A 251 33.29 -19.68 34.36
C GLY A 251 33.60 -19.41 32.91
N THR A 252 32.58 -19.26 32.07
CA THR A 252 32.74 -19.04 30.65
C THR A 252 32.60 -17.54 30.33
N GLU A 253 32.74 -17.22 29.04
CA GLU A 253 32.72 -15.84 28.56
C GLU A 253 31.49 -15.60 27.69
N VAL A 254 30.92 -14.40 27.79
CA VAL A 254 29.83 -13.96 26.93
C VAL A 254 30.15 -12.56 26.43
N ILE A 255 30.09 -12.37 25.12
CA ILE A 255 30.34 -11.09 24.47
C ILE A 255 29.10 -10.70 23.69
N GLN A 256 28.75 -9.42 23.74
CA GLN A 256 27.68 -8.86 22.91
C GLN A 256 28.20 -7.63 22.20
N LEU A 257 28.06 -7.60 20.87
CA LEU A 257 28.50 -6.48 20.06
C LEU A 257 27.40 -6.11 19.07
N PHE A 258 27.24 -4.80 18.86
CA PHE A 258 26.18 -4.30 17.98
C PHE A 258 26.60 -2.91 17.49
N PRO A 259 26.01 -2.44 16.37
CA PRO A 259 26.43 -1.13 15.82
C PRO A 259 25.95 0.07 16.62
N GLU A 260 24.88 -0.05 17.41
CA GLU A 260 24.32 1.09 18.11
C GLU A 260 25.22 1.50 19.28
N LYS A 261 24.93 2.69 19.83
CA LYS A 261 25.68 3.19 20.97
C LYS A 261 25.35 2.43 22.26
N GLY A 262 24.26 1.68 22.28
CA GLY A 262 23.88 0.93 23.46
C GLY A 262 22.75 -0.02 23.14
N ASN A 263 22.48 -0.92 24.08
CA ASN A 263 21.39 -1.87 23.93
C ASN A 263 20.07 -1.13 23.74
N MET A 264 19.23 -1.65 22.84
CA MET A 264 17.94 -1.03 22.53
C MET A 264 18.09 0.36 21.96
N GLY A 265 19.22 0.62 21.28
CA GLY A 265 19.47 1.96 20.78
C GLY A 265 18.41 2.42 19.80
N LYS A 266 17.88 1.51 19.01
CA LYS A 266 16.88 1.85 18.00
C LYS A 266 15.47 1.93 18.57
N ILE A 267 15.28 1.69 19.86
CA ILE A 267 13.97 1.64 20.49
C ILE A 267 13.84 2.68 21.59
N LEU A 268 14.77 2.68 22.54
CA LEU A 268 14.74 3.59 23.68
C LEU A 268 15.63 4.79 23.43
N PRO A 269 15.38 5.91 24.11
CA PRO A 269 16.29 7.05 24.00
C PRO A 269 17.66 6.71 24.59
N GLU A 270 18.62 7.61 24.32
CA GLU A 270 20.00 7.33 24.70
C GLU A 270 20.13 7.00 26.18
N TYR A 271 19.42 7.73 27.04
CA TYR A 271 19.59 7.55 28.48
C TYR A 271 19.10 6.17 28.91
N LEU A 272 17.89 5.78 28.51
CA LEU A 272 17.41 4.44 28.89
C LEU A 272 18.17 3.34 28.17
N SER A 273 18.72 3.63 26.98
CA SER A 273 19.55 2.64 26.28
C SER A 273 20.81 2.36 27.07
N ASN A 274 21.51 3.41 27.53
CA ASN A 274 22.72 3.20 28.30
C ASN A 274 22.44 2.50 29.62
N TRP A 275 21.32 2.82 30.27
CA TRP A 275 20.96 2.12 31.50
C TRP A 275 20.75 0.64 31.24
N THR A 276 20.14 0.30 30.11
CA THR A 276 19.97 -1.11 29.75
C THR A 276 21.31 -1.78 29.51
N MET A 277 22.23 -1.07 28.86
CA MET A 277 23.56 -1.63 28.61
C MET A 277 24.31 -1.89 29.91
N GLU A 278 24.10 -1.05 30.92
CA GLU A 278 24.77 -1.27 32.20
C GLU A 278 24.18 -2.48 32.93
N LYS A 279 22.88 -2.72 32.81
CA LYS A 279 22.29 -3.90 33.44
C LYS A 279 22.77 -5.18 32.77
N VAL A 280 23.00 -5.16 31.46
CA VAL A 280 23.56 -6.33 30.79
C VAL A 280 25.01 -6.54 31.19
N ARG A 281 25.77 -5.45 31.29
CA ARG A 281 27.18 -5.58 31.68
C ARG A 281 27.30 -6.12 33.10
N ARG A 282 26.37 -5.78 33.97
CA ARG A 282 26.40 -6.27 35.34
C ARG A 282 26.10 -7.76 35.45
N GLU A 283 25.64 -8.40 34.39
CA GLU A 283 25.44 -9.84 34.35
C GLU A 283 26.69 -10.60 33.94
N GLY A 284 27.79 -9.90 33.68
CA GLY A 284 29.03 -10.52 33.27
C GLY A 284 29.32 -10.47 31.79
N VAL A 285 28.43 -9.86 31.00
CA VAL A 285 28.60 -9.81 29.55
C VAL A 285 29.53 -8.66 29.20
N LYS A 286 30.44 -8.93 28.25
CA LYS A 286 31.30 -7.88 27.70
C LYS A 286 30.56 -7.25 26.52
N VAL A 287 29.98 -6.08 26.75
CA VAL A 287 29.20 -5.40 25.73
C VAL A 287 30.13 -4.45 24.96
N MET A 288 30.14 -4.59 23.63
CA MET A 288 30.99 -3.80 22.75
C MET A 288 30.09 -3.02 21.78
N PRO A 289 29.64 -1.83 22.16
CA PRO A 289 28.81 -1.03 21.24
C PRO A 289 29.62 -0.49 20.08
N ASN A 290 28.94 0.18 19.15
CA ASN A 290 29.60 0.80 18.00
C ASN A 290 30.49 -0.21 17.28
N ALA A 291 29.98 -1.44 17.12
CA ALA A 291 30.73 -2.52 16.52
C ALA A 291 30.01 -2.98 15.26
N ILE A 292 30.71 -2.94 14.12
CA ILE A 292 30.22 -3.42 12.85
C ILE A 292 31.13 -4.55 12.39
N VAL A 293 30.53 -5.66 11.98
CA VAL A 293 31.30 -6.83 11.58
C VAL A 293 31.74 -6.68 10.14
N GLN A 294 33.03 -6.88 9.90
CA GLN A 294 33.58 -6.85 8.55
C GLN A 294 33.80 -8.26 7.99
N SER A 295 34.32 -9.18 8.82
CA SER A 295 34.59 -10.52 8.35
C SER A 295 34.61 -11.47 9.54
N VAL A 296 34.41 -12.74 9.25
CA VAL A 296 34.44 -13.80 10.25
C VAL A 296 35.19 -14.98 9.66
N GLY A 297 36.15 -15.51 10.42
CA GLY A 297 36.93 -16.63 9.95
C GLY A 297 37.32 -17.53 11.10
N VAL A 298 38.00 -18.63 10.76
CA VAL A 298 38.46 -19.60 11.74
C VAL A 298 39.97 -19.48 11.83
N SER A 299 40.49 -19.43 13.06
CA SER A 299 41.92 -19.35 13.32
C SER A 299 42.24 -20.26 14.48
N SER A 300 42.94 -21.37 14.19
CA SER A 300 43.29 -22.35 15.21
C SER A 300 42.04 -22.89 15.91
N GLY A 301 41.07 -23.29 15.11
CA GLY A 301 39.83 -23.83 15.62
C GLY A 301 38.96 -22.87 16.38
N LYS A 302 39.30 -21.59 16.40
CA LYS A 302 38.54 -20.57 17.11
C LYS A 302 38.00 -19.55 16.10
N LEU A 303 36.80 -19.04 16.37
CA LEU A 303 36.19 -18.05 15.50
C LEU A 303 36.84 -16.69 15.73
N LEU A 304 37.25 -16.04 14.63
CA LEU A 304 37.88 -14.73 14.67
C LEU A 304 36.94 -13.73 14.02
N ILE A 305 36.44 -12.78 14.81
CA ILE A 305 35.56 -11.73 14.33
C ILE A 305 36.37 -10.45 14.24
N LYS A 306 36.57 -9.96 13.01
CA LYS A 306 37.25 -8.70 12.77
C LYS A 306 36.21 -7.61 12.60
N LEU A 307 36.22 -6.62 13.50
CA LEU A 307 35.28 -5.51 13.42
C LEU A 307 35.81 -4.46 12.45
N LYS A 308 34.88 -3.69 11.88
CA LYS A 308 35.27 -2.71 10.87
C LYS A 308 36.21 -1.65 11.44
N ASP A 309 36.10 -1.34 12.72
CA ASP A 309 36.92 -0.29 13.32
C ASP A 309 38.31 -0.75 13.73
N GLY A 310 38.65 -2.01 13.47
CA GLY A 310 39.98 -2.54 13.74
C GLY A 310 39.99 -3.61 14.83
N ARG A 311 39.09 -3.50 15.81
CA ARG A 311 39.07 -4.45 16.91
C ARG A 311 38.92 -5.88 16.40
N LYS A 312 39.38 -6.83 17.21
CA LYS A 312 39.29 -8.25 16.89
C LYS A 312 38.75 -9.00 18.09
N VAL A 313 37.79 -9.90 17.85
CA VAL A 313 37.13 -10.68 18.90
C VAL A 313 37.34 -12.16 18.58
N GLU A 314 37.92 -12.88 19.53
CA GLU A 314 38.10 -14.33 19.42
C GLU A 314 37.03 -15.01 20.26
N THR A 315 36.31 -15.96 19.66
CA THR A 315 35.24 -16.65 20.35
C THR A 315 35.09 -18.04 19.76
N ASP A 316 34.24 -18.85 20.39
CA ASP A 316 34.00 -20.22 19.97
C ASP A 316 32.69 -20.41 19.22
N HIS A 317 31.68 -19.59 19.52
CA HIS A 317 30.37 -19.72 18.90
C HIS A 317 29.73 -18.34 18.79
N ILE A 318 28.91 -18.17 17.76
CA ILE A 318 28.23 -16.89 17.50
C ILE A 318 26.72 -17.12 17.50
N VAL A 319 26.00 -16.19 18.12
CA VAL A 319 24.55 -16.13 18.05
C VAL A 319 24.20 -14.82 17.36
N ALA A 320 23.57 -14.93 16.19
CA ALA A 320 23.23 -13.77 15.37
C ALA A 320 21.77 -13.40 15.56
N ALA A 321 21.51 -12.30 16.27
CA ALA A 321 20.18 -11.74 16.46
C ALA A 321 20.17 -10.36 15.82
N VAL A 322 20.10 -10.34 14.49
CA VAL A 322 20.22 -9.10 13.74
C VAL A 322 18.94 -8.84 12.95
N GLY A 323 17.80 -9.14 13.55
CA GLY A 323 16.52 -8.78 12.97
C GLY A 323 15.85 -9.96 12.27
N LEU A 324 14.65 -9.66 11.74
CA LEU A 324 13.77 -10.68 11.20
C LEU A 324 13.40 -10.35 9.75
N GLU A 325 13.25 -11.39 8.93
CA GLU A 325 12.82 -11.23 7.55
C GLU A 325 11.45 -11.89 7.37
N PRO A 326 10.40 -11.16 7.01
CA PRO A 326 9.07 -11.78 6.90
C PRO A 326 9.01 -12.86 5.84
N ASN A 327 8.27 -13.94 6.15
CA ASN A 327 8.12 -15.07 5.25
C ASN A 327 7.01 -14.77 4.25
N VAL A 328 7.39 -14.24 3.09
CA VAL A 328 6.44 -13.78 2.10
C VAL A 328 6.60 -14.58 0.81
N GLU A 329 7.10 -15.81 0.92
CA GLU A 329 7.31 -16.63 -0.27
C GLU A 329 6.01 -16.83 -1.04
N LEU A 330 4.90 -17.00 -0.33
CA LEU A 330 3.63 -17.28 -0.98
C LEU A 330 3.07 -16.08 -1.75
N ALA A 331 3.68 -14.90 -1.63
CA ALA A 331 3.19 -13.74 -2.36
C ALA A 331 3.43 -13.87 -3.86
N LYS A 332 4.47 -14.58 -4.26
CA LYS A 332 4.75 -14.75 -5.69
C LYS A 332 3.61 -15.50 -6.38
N THR A 333 3.39 -16.76 -6.00
CA THR A 333 2.34 -17.55 -6.65
C THR A 333 0.97 -16.94 -6.40
N GLY A 334 0.76 -16.38 -5.20
CA GLY A 334 -0.53 -15.81 -4.88
C GLY A 334 -0.83 -14.48 -5.50
N GLY A 335 0.16 -13.84 -6.13
CA GLY A 335 -0.07 -12.50 -6.64
C GLY A 335 -0.44 -11.52 -5.55
N LEU A 336 0.19 -11.63 -4.38
CA LEU A 336 -0.09 -10.76 -3.25
C LEU A 336 0.96 -9.66 -3.15
N GLU A 337 0.50 -8.46 -2.80
CA GLU A 337 1.39 -7.31 -2.70
C GLU A 337 2.20 -7.40 -1.41
N ILE A 338 3.49 -7.10 -1.51
CA ILE A 338 4.35 -6.95 -0.35
C ILE A 338 4.76 -5.48 -0.25
N ASP A 339 5.02 -5.04 0.98
CA ASP A 339 5.38 -3.65 1.23
C ASP A 339 6.90 -3.50 1.12
N SER A 340 7.34 -2.64 0.21
CA SER A 340 8.78 -2.43 0.03
C SER A 340 9.39 -1.60 1.15
N ASP A 341 8.58 -0.83 1.87
CA ASP A 341 9.10 0.01 2.94
C ASP A 341 9.28 -0.77 4.24
N PHE A 342 8.22 -1.44 4.70
CA PHE A 342 8.24 -2.16 5.96
C PHE A 342 8.47 -3.66 5.79
N GLY A 343 8.30 -4.20 4.58
CA GLY A 343 8.31 -5.63 4.39
C GLY A 343 6.99 -6.25 4.82
N GLY A 344 6.80 -7.51 4.44
CA GLY A 344 5.60 -8.25 4.78
C GLY A 344 4.47 -8.02 3.78
N PHE A 345 3.38 -8.76 4.00
CA PHE A 345 2.20 -8.64 3.15
C PHE A 345 1.48 -7.32 3.43
N ARG A 346 1.12 -6.61 2.38
CA ARG A 346 0.35 -5.38 2.52
C ARG A 346 -1.12 -5.70 2.71
N VAL A 347 -1.69 -5.24 3.82
CA VAL A 347 -3.09 -5.42 4.14
C VAL A 347 -3.65 -4.12 4.69
N ASN A 348 -4.98 -4.02 4.68
CA ASN A 348 -5.66 -2.80 5.08
C ASN A 348 -5.87 -2.81 6.59
N ALA A 349 -6.67 -1.86 7.09
CA ALA A 349 -6.89 -1.73 8.53
C ALA A 349 -7.53 -2.96 9.13
N GLU A 350 -8.26 -3.74 8.34
CA GLU A 350 -8.91 -4.95 8.83
C GLU A 350 -8.05 -6.19 8.66
N LEU A 351 -6.77 -6.02 8.36
CA LEU A 351 -5.82 -7.12 8.14
C LEU A 351 -6.19 -7.94 6.90
N GLN A 352 -6.95 -7.36 5.98
CA GLN A 352 -7.41 -8.08 4.80
C GLN A 352 -6.52 -7.76 3.61
N ALA A 353 -6.14 -8.79 2.85
CA ALA A 353 -5.39 -8.64 1.61
C ALA A 353 -6.31 -8.76 0.39
N ARG A 354 -7.04 -9.86 0.30
CA ARG A 354 -7.99 -10.08 -0.78
C ARG A 354 -9.33 -10.51 -0.18
N SER A 355 -10.28 -10.90 -1.04
CA SER A 355 -11.64 -11.18 -0.56
C SER A 355 -11.65 -12.21 0.56
N ASN A 356 -10.86 -13.28 0.45
CA ASN A 356 -10.91 -14.38 1.40
C ASN A 356 -9.57 -14.64 2.06
N ILE A 357 -8.71 -13.63 2.14
CA ILE A 357 -7.35 -13.79 2.64
C ILE A 357 -7.04 -12.65 3.60
N TRP A 358 -6.65 -13.00 4.82
CA TRP A 358 -6.16 -12.05 5.81
C TRP A 358 -4.71 -12.39 6.15
N VAL A 359 -4.04 -11.46 6.83
CA VAL A 359 -2.65 -11.65 7.26
C VAL A 359 -2.52 -11.07 8.66
N ALA A 360 -1.83 -11.80 9.53
CA ALA A 360 -1.63 -11.35 10.90
C ALA A 360 -0.21 -11.71 11.35
N GLY A 361 0.23 -11.06 12.42
CA GLY A 361 1.49 -11.40 13.04
C GLY A 361 2.65 -10.60 12.46
N ASP A 362 3.85 -11.17 12.65
CA ASP A 362 5.07 -10.52 12.20
C ASP A 362 5.08 -10.26 10.70
N ALA A 363 4.36 -11.08 9.92
CA ALA A 363 4.39 -10.97 8.46
C ALA A 363 3.43 -9.93 7.91
N ALA A 364 2.56 -9.36 8.74
CA ALA A 364 1.50 -8.48 8.25
C ALA A 364 1.88 -7.01 8.35
N CSX A 365 1.91 -6.35 7.20
CA CSX A 365 2.02 -4.91 7.13
CB CSX A 365 2.92 -4.47 5.97
SG CSX A 365 3.33 -2.76 6.02
C CSX A 365 0.66 -4.27 6.94
O CSX A 365 0.06 -4.25 5.86
OD CSX A 365 2.88 -2.17 4.73
HA CSX A 365 2.49 -4.51 8.09
HB2 CSX A 365 2.42 -4.68 5.00
HB3 CSX A 365 3.88 -5.05 6.01
HG CSX A 365 2.44 -2.38 6.88
N PHE A 366 0.15 -3.71 8.04
CA PHE A 366 -1.24 -3.24 8.11
C PHE A 366 -1.31 -1.73 8.23
N TYR A 367 -2.52 -1.19 8.12
CA TYR A 367 -2.77 0.24 8.23
C TYR A 367 -3.41 0.55 9.57
N ASP A 368 -2.73 1.38 10.36
CA ASP A 368 -3.27 1.85 11.62
C ASP A 368 -3.97 3.19 11.38
N ILE A 369 -5.28 3.22 11.66
CA ILE A 369 -6.07 4.43 11.40
C ILE A 369 -5.53 5.61 12.17
N LYS A 370 -4.92 5.36 13.33
CA LYS A 370 -4.42 6.44 14.18
C LYS A 370 -2.95 6.75 13.95
N LEU A 371 -2.14 5.76 13.61
CA LEU A 371 -0.70 5.92 13.58
C LEU A 371 -0.06 5.70 12.21
N GLY A 372 -0.81 5.22 11.23
CA GLY A 372 -0.29 5.03 9.89
C GLY A 372 0.11 3.59 9.64
N ARG A 373 0.75 3.39 8.48
CA ARG A 373 1.13 2.05 8.08
C ARG A 373 2.26 1.53 8.95
N ARG A 374 2.14 0.27 9.36
CA ARG A 374 3.06 -0.33 10.33
C ARG A 374 3.26 -1.80 10.04
N ARG A 375 4.35 -2.34 10.57
CA ARG A 375 4.51 -3.78 10.75
C ARG A 375 5.15 -4.02 12.11
N VAL A 376 4.46 -4.78 12.96
CA VAL A 376 4.86 -4.99 14.35
C VAL A 376 5.25 -6.44 14.54
N GLU A 377 6.35 -6.66 15.25
CA GLU A 377 6.94 -7.99 15.45
C GLU A 377 7.06 -8.29 16.94
N HIS A 378 5.94 -8.43 17.64
CA HIS A 378 6.04 -8.90 19.02
C HIS A 378 4.80 -9.70 19.39
N HIS A 379 4.92 -10.39 20.53
CA HIS A 379 4.01 -11.48 20.86
C HIS A 379 2.58 -10.98 21.02
N ASP A 380 2.37 -9.96 21.84
CA ASP A 380 1.01 -9.48 22.06
C ASP A 380 0.35 -9.02 20.77
N HIS A 381 1.15 -8.49 19.83
CA HIS A 381 0.58 -8.06 18.55
C HIS A 381 0.14 -9.25 17.71
N ALA A 382 0.92 -10.33 17.71
CA ALA A 382 0.48 -11.54 17.04
C ALA A 382 -0.83 -12.03 17.65
N VAL A 383 -0.97 -11.90 18.97
CA VAL A 383 -2.21 -12.27 19.64
C VAL A 383 -3.33 -11.32 19.23
N VAL A 384 -3.06 -10.01 19.29
CA VAL A 384 -4.08 -9.01 18.97
C VAL A 384 -4.50 -9.11 17.50
N SER A 385 -3.53 -9.09 16.59
CA SER A 385 -3.86 -9.13 15.17
C SER A 385 -4.42 -10.49 14.77
N GLY A 386 -3.92 -11.57 15.38
CA GLY A 386 -4.52 -12.88 15.14
C GLY A 386 -5.98 -12.94 15.55
N ARG A 387 -6.28 -12.44 16.75
CA ARG A 387 -7.66 -12.40 17.20
C ARG A 387 -8.52 -11.55 16.26
N LEU A 388 -8.00 -10.39 15.84
CA LEU A 388 -8.74 -9.52 14.96
C LEU A 388 -9.04 -10.20 13.63
N ALA A 389 -8.03 -10.86 13.04
CA ALA A 389 -8.25 -11.58 11.80
C ALA A 389 -9.31 -12.65 11.95
N GLY A 390 -9.31 -13.36 13.07
CA GLY A 390 -10.32 -14.40 13.28
C GLY A 390 -11.73 -13.84 13.32
N GLU A 391 -11.91 -12.68 13.95
CA GLU A 391 -13.22 -12.06 13.98
C GLU A 391 -13.64 -11.60 12.59
N ASN A 392 -12.71 -11.01 11.83
CA ASN A 392 -13.04 -10.53 10.50
C ASN A 392 -13.26 -11.69 9.53
N MET A 393 -12.61 -12.84 9.76
CA MET A 393 -12.92 -14.03 9.00
C MET A 393 -14.31 -14.57 9.31
N THR A 394 -14.93 -14.11 10.39
CA THR A 394 -16.31 -14.41 10.73
C THR A 394 -17.20 -13.16 10.64
N GLY A 395 -16.88 -12.27 9.68
CA GLY A 395 -17.72 -11.15 9.32
C GLY A 395 -17.66 -9.93 10.21
N ALA A 396 -16.68 -9.83 11.10
CA ALA A 396 -16.67 -8.72 12.04
C ALA A 396 -16.44 -7.38 11.35
N ALA A 397 -15.54 -7.34 10.37
CA ALA A 397 -15.21 -6.09 9.68
C ALA A 397 -14.68 -5.04 10.65
N LYS A 398 -13.86 -5.47 11.60
CA LYS A 398 -13.33 -4.54 12.59
C LYS A 398 -11.94 -4.07 12.19
N PRO A 399 -11.64 -2.78 12.31
CA PRO A 399 -10.27 -2.32 12.07
C PRO A 399 -9.39 -2.45 13.30
N TYR A 400 -8.09 -2.58 13.04
CA TYR A 400 -7.11 -2.51 14.12
C TYR A 400 -7.32 -1.22 14.89
N TRP A 401 -7.63 -1.34 16.17
CA TRP A 401 -8.02 -0.20 16.98
C TRP A 401 -7.43 -0.32 18.38
N HIS A 402 -7.67 -1.46 19.03
CA HIS A 402 -7.07 -1.76 20.32
C HIS A 402 -5.58 -2.01 20.10
N GLN A 403 -4.75 -1.10 20.56
CA GLN A 403 -3.32 -1.16 20.30
C GLN A 403 -2.69 -2.34 21.01
N SER A 404 -1.77 -3.01 20.32
CA SER A 404 -0.95 -4.01 20.99
C SER A 404 0.14 -3.32 21.80
N MET A 405 0.66 -4.04 22.80
CA MET A 405 1.68 -3.51 23.69
C MET A 405 2.77 -4.55 23.88
N PHE A 406 3.89 -4.10 24.48
CA PHE A 406 4.95 -5.02 24.87
C PHE A 406 5.57 -4.51 26.16
N TRP A 407 6.32 -5.38 26.82
CA TRP A 407 6.92 -5.06 28.10
C TRP A 407 8.23 -5.81 28.22
N SER A 408 9.04 -5.39 29.18
CA SER A 408 10.36 -6.00 29.40
C SER A 408 10.72 -5.86 30.87
N ASP A 409 10.71 -6.98 31.59
CA ASP A 409 11.17 -6.96 32.98
C ASP A 409 12.69 -6.82 33.00
N LEU A 410 13.18 -5.77 33.66
CA LEU A 410 14.61 -5.50 33.75
C LEU A 410 15.13 -5.65 35.19
N GLY A 411 14.44 -6.43 36.02
CA GLY A 411 14.84 -6.61 37.40
C GLY A 411 13.67 -7.06 38.26
N GLY A 415 10.89 -3.06 35.43
CA GLY A 415 10.30 -3.29 34.13
C GLY A 415 9.67 -2.05 33.52
N TYR A 416 9.31 -2.13 32.24
CA TYR A 416 8.62 -1.03 31.59
C TYR A 416 7.62 -1.58 30.59
N GLU A 417 6.59 -0.78 30.32
CA GLU A 417 5.57 -1.09 29.33
C GLU A 417 5.69 -0.10 28.17
N ALA A 418 5.09 -0.46 27.04
CA ALA A 418 5.29 0.33 25.84
C ALA A 418 4.11 0.11 24.90
N ILE A 419 3.79 1.15 24.12
CA ILE A 419 2.64 1.12 23.22
C ILE A 419 2.89 2.12 22.10
N GLY A 420 2.49 1.73 20.89
CA GLY A 420 2.54 2.64 19.77
C GLY A 420 3.85 2.59 19.01
N LEU A 421 4.24 3.75 18.47
CA LEU A 421 5.46 3.86 17.66
C LEU A 421 6.63 4.13 18.59
N VAL A 422 7.23 3.07 19.12
CA VAL A 422 8.37 3.18 20.02
C VAL A 422 9.62 3.09 19.14
N ASP A 423 10.06 4.23 18.64
CA ASP A 423 11.20 4.31 17.74
C ASP A 423 12.06 5.50 18.14
N SER A 424 13.32 5.23 18.50
CA SER A 424 14.19 6.28 19.00
C SER A 424 14.52 7.33 17.95
N SER A 425 14.29 7.04 16.66
CA SER A 425 14.53 8.04 15.63
C SER A 425 13.55 9.21 15.70
N LEU A 426 12.43 9.04 16.39
CA LEU A 426 11.48 10.12 16.59
C LEU A 426 11.93 11.00 17.75
N PRO A 427 11.48 12.26 17.77
CA PRO A 427 11.73 13.09 18.96
C PRO A 427 11.08 12.48 20.19
N THR A 428 11.82 12.49 21.29
CA THR A 428 11.34 11.95 22.55
C THR A 428 11.40 13.00 23.65
N VAL A 429 10.46 12.91 24.58
CA VAL A 429 10.43 13.76 25.77
C VAL A 429 10.16 12.85 26.95
N GLY A 430 11.17 12.65 27.80
CA GLY A 430 11.04 11.83 28.98
C GLY A 430 10.81 12.68 30.21
N VAL A 431 9.82 12.28 31.01
CA VAL A 431 9.47 12.98 32.25
C VAL A 431 9.61 11.96 33.38
N PHE A 432 10.59 12.17 34.25
CA PHE A 432 10.88 11.23 35.34
C PHE A 432 10.70 11.87 36.72
N LYS A 486 11.07 6.03 38.14
CA LYS A 486 9.74 6.18 37.56
C LYS A 486 9.69 7.34 36.55
N GLY A 487 9.13 7.08 35.38
CA GLY A 487 9.02 8.12 34.37
C GLY A 487 8.21 7.63 33.18
N VAL A 488 7.87 8.57 32.31
CA VAL A 488 7.12 8.31 31.09
C VAL A 488 7.83 9.00 29.95
N ILE A 489 8.03 8.27 28.84
CA ILE A 489 8.71 8.79 27.66
C ILE A 489 7.69 8.91 26.54
N PHE A 490 7.51 10.13 26.03
CA PHE A 490 6.59 10.40 24.94
C PHE A 490 7.36 10.43 23.63
N TYR A 491 6.90 9.64 22.67
CA TYR A 491 7.42 9.66 21.30
C TYR A 491 6.50 10.55 20.48
N LEU A 492 7.06 11.58 19.87
CA LEU A 492 6.29 12.65 19.25
C LEU A 492 6.47 12.64 17.73
N ARG A 493 5.39 13.03 17.04
CA ARG A 493 5.44 13.22 15.60
C ARG A 493 4.45 14.32 15.27
N ASP A 494 4.95 15.45 14.77
CA ASP A 494 4.12 16.62 14.49
C ASP A 494 3.42 17.11 15.76
N LYS A 495 4.15 17.09 16.87
CA LYS A 495 3.69 17.52 18.18
C LYS A 495 2.58 16.64 18.74
N VAL A 496 2.36 15.45 18.15
CA VAL A 496 1.34 14.52 18.60
C VAL A 496 2.03 13.31 19.21
N VAL A 497 1.47 12.80 20.31
CA VAL A 497 2.02 11.62 20.98
C VAL A 497 1.60 10.39 20.19
N VAL A 498 2.59 9.71 19.59
CA VAL A 498 2.34 8.49 18.83
C VAL A 498 2.90 7.24 19.51
N GLY A 499 3.70 7.41 20.56
CA GLY A 499 4.25 6.27 21.27
C GLY A 499 4.52 6.65 22.71
N ILE A 500 4.36 5.67 23.60
CA ILE A 500 4.55 5.88 25.03
C ILE A 500 5.31 4.70 25.61
N VAL A 501 6.24 4.98 26.51
CA VAL A 501 6.93 3.96 27.29
C VAL A 501 6.75 4.33 28.76
N LEU A 502 6.17 3.42 29.53
CA LEU A 502 5.94 3.60 30.96
C LEU A 502 7.08 2.93 31.72
N TRP A 503 7.99 3.75 32.25
CA TRP A 503 9.17 3.23 32.95
C TRP A 503 8.85 3.11 34.43
N ASN A 504 8.70 1.86 34.91
CA ASN A 504 8.35 1.59 36.30
C ASN A 504 7.06 2.30 36.71
N ILE A 505 6.08 2.30 35.81
CA ILE A 505 4.74 2.79 36.09
C ILE A 505 3.78 1.70 35.65
N PHE A 506 2.93 1.26 36.57
CA PHE A 506 2.09 0.09 36.34
C PHE A 506 0.64 0.44 36.61
N ASN A 507 -0.25 -0.31 35.95
CA ASN A 507 -1.70 -0.12 36.06
C ASN A 507 -2.13 1.24 35.50
N ARG A 508 -1.44 1.71 34.47
CA ARG A 508 -1.82 2.95 33.82
C ARG A 508 -1.78 2.83 32.30
N MET A 509 -1.61 1.63 31.77
CA MET A 509 -1.67 1.45 30.31
C MET A 509 -2.99 1.93 29.71
N PRO A 510 -4.16 1.71 30.34
CA PRO A 510 -5.38 2.29 29.76
C PRO A 510 -5.29 3.79 29.56
N ILE A 511 -4.62 4.51 30.47
CA ILE A 511 -4.42 5.94 30.29
C ILE A 511 -3.54 6.20 29.06
N ALA A 512 -2.50 5.39 28.89
CA ALA A 512 -1.63 5.55 27.71
C ALA A 512 -2.38 5.24 26.44
N ARG A 513 -3.27 4.25 26.46
CA ARG A 513 -4.06 3.92 25.28
C ARG A 513 -4.92 5.10 24.85
N LYS A 514 -5.52 5.81 25.81
CA LYS A 514 -6.38 6.93 25.46
C LYS A 514 -5.57 8.08 24.88
N ILE A 515 -4.36 8.32 25.41
CA ILE A 515 -3.52 9.39 24.87
C ILE A 515 -3.24 9.13 23.40
N ILE A 516 -2.83 7.90 23.07
CA ILE A 516 -2.59 7.52 21.69
C ILE A 516 -3.86 7.72 20.86
N LYS A 517 -5.01 7.36 21.42
CA LYS A 517 -6.27 7.43 20.68
C LYS A 517 -6.74 8.86 20.47
N ASP A 518 -6.49 9.76 21.43
CA ASP A 518 -6.97 11.12 21.32
C ASP A 518 -6.33 11.85 20.13
N GLY A 519 -5.03 11.71 19.96
CA GLY A 519 -4.34 12.40 18.89
C GLY A 519 -4.21 13.89 19.10
N GLU A 520 -4.18 14.33 20.35
CA GLU A 520 -4.06 15.76 20.65
C GLU A 520 -2.65 16.26 20.38
N GLN A 521 -2.55 17.55 20.05
CA GLN A 521 -1.27 18.26 20.02
C GLN A 521 -1.13 18.96 21.37
N HIS A 522 -0.55 18.26 22.33
CA HIS A 522 -0.47 18.79 23.68
C HIS A 522 0.47 19.97 23.75
N GLU A 523 0.11 20.96 24.57
CA GLU A 523 0.93 22.14 24.76
C GLU A 523 1.93 21.98 25.90
N ASP A 524 1.71 21.04 26.81
CA ASP A 524 2.61 20.83 27.95
C ASP A 524 2.56 19.36 28.34
N LEU A 525 3.61 18.62 28.02
CA LEU A 525 3.66 17.20 28.36
C LEU A 525 3.85 16.97 29.86
N ASN A 526 4.30 17.99 30.60
CA ASN A 526 4.39 17.85 32.04
C ASN A 526 3.00 17.70 32.66
N GLU A 527 1.97 18.29 32.04
CA GLU A 527 0.61 18.07 32.50
C GLU A 527 0.14 16.66 32.16
N VAL A 528 0.47 16.17 30.97
CA VAL A 528 0.13 14.80 30.61
C VAL A 528 0.86 13.82 31.52
N ALA A 529 2.08 14.17 31.95
CA ALA A 529 2.81 13.29 32.85
C ALA A 529 2.07 13.10 34.16
N LYS A 530 1.34 14.12 34.62
CA LYS A 530 0.56 13.98 35.84
C LYS A 530 -0.48 12.88 35.74
N LEU A 531 -0.91 12.54 34.53
CA LEU A 531 -1.86 11.44 34.35
C LEU A 531 -1.26 10.12 34.76
N PHE A 532 0.07 10.01 34.78
CA PHE A 532 0.76 8.81 35.22
C PHE A 532 1.36 8.98 36.62
N ASN A 533 0.86 9.95 37.38
CA ASN A 533 1.31 10.18 38.75
C ASN A 533 2.80 10.55 38.79
N ILE A 534 3.18 11.48 37.92
CA ILE A 534 4.54 12.00 37.84
C ILE A 534 4.47 13.49 38.15
N HIS A 535 4.82 13.86 39.38
CA HIS A 535 4.69 15.24 39.83
C HIS A 535 6.05 15.80 40.26
N LEU A 538 11.32 16.56 39.55
CA LEU A 538 10.93 16.33 38.16
C LEU A 538 12.13 16.53 37.23
N GLU A 539 12.44 15.52 36.43
CA GLU A 539 13.55 15.56 35.47
C GLU A 539 13.00 15.34 34.06
N VAL A 540 12.91 16.42 33.27
CA VAL A 540 12.44 16.34 31.90
C VAL A 540 13.63 16.21 30.96
N LEU A 541 13.59 15.19 30.10
CA LEU A 541 14.67 14.91 29.16
C LEU A 541 14.16 15.04 27.73
N PHE A 542 15.06 15.39 26.81
CA PHE A 542 14.71 15.63 25.41
C PHE A 542 15.66 14.87 24.49
N GLN A 543 15.13 14.47 23.34
CA GLN A 543 15.91 13.83 22.29
C GLN A 543 15.09 13.75 21.01
N PRO B 53 -32.72 10.54 0.16
CA PRO B 53 -33.04 9.35 0.97
C PRO B 53 -32.17 9.24 2.21
N SER B 54 -32.70 8.60 3.26
CA SER B 54 -31.92 8.39 4.48
C SER B 54 -31.11 7.11 4.45
N HIS B 55 -31.53 6.11 3.68
CA HIS B 55 -30.77 4.87 3.51
C HIS B 55 -30.89 4.41 2.06
N VAL B 56 -29.81 3.85 1.54
CA VAL B 56 -29.77 3.35 0.16
C VAL B 56 -28.81 2.17 0.12
N PRO B 57 -29.17 1.06 -0.54
CA PRO B 57 -28.23 -0.08 -0.59
C PRO B 57 -26.89 0.28 -1.21
N PHE B 58 -26.89 0.89 -2.40
CA PHE B 58 -25.66 1.23 -3.12
C PHE B 58 -25.51 2.74 -3.21
N LEU B 59 -24.42 3.25 -2.66
CA LEU B 59 -24.09 4.68 -2.71
C LEU B 59 -22.81 4.87 -3.50
N LEU B 60 -22.87 5.73 -4.52
CA LEU B 60 -21.72 6.06 -5.35
C LEU B 60 -21.42 7.54 -5.17
N ILE B 61 -20.22 7.86 -4.70
CA ILE B 61 -19.81 9.24 -4.43
C ILE B 61 -19.10 9.77 -5.66
N GLY B 62 -19.68 10.80 -6.29
CA GLY B 62 -19.15 11.33 -7.52
C GLY B 62 -20.00 10.91 -8.71
N GLY B 63 -20.34 11.85 -9.59
CA GLY B 63 -21.25 11.57 -10.68
C GLY B 63 -20.57 11.56 -12.03
N GLY B 64 -19.41 10.92 -12.11
CA GLY B 64 -18.63 10.90 -13.34
C GLY B 64 -18.68 9.57 -14.07
N THR B 65 -17.61 9.28 -14.81
CA THR B 65 -17.57 8.09 -15.65
C THR B 65 -17.47 6.81 -14.83
N ALA B 66 -16.64 6.81 -13.78
CA ALA B 66 -16.48 5.60 -12.98
C ALA B 66 -17.77 5.25 -12.24
N ALA B 67 -18.45 6.26 -11.70
CA ALA B 67 -19.68 5.99 -10.96
C ALA B 67 -20.75 5.41 -11.89
N PHE B 68 -20.93 6.00 -13.06
CA PHE B 68 -21.96 5.51 -13.99
C PHE B 68 -21.67 4.07 -14.41
N ALA B 69 -20.42 3.79 -14.78
CA ALA B 69 -20.06 2.43 -15.18
C ALA B 69 -20.32 1.44 -14.05
N ALA B 70 -20.10 1.86 -12.80
CA ALA B 70 -20.39 0.99 -11.67
C ALA B 70 -21.89 0.83 -11.48
N ALA B 71 -22.66 1.89 -11.75
CA ALA B 71 -24.11 1.80 -11.65
C ALA B 71 -24.66 0.79 -12.64
N ARG B 72 -24.21 0.84 -13.89
CA ARG B 72 -24.66 -0.13 -14.89
C ARG B 72 -24.24 -1.54 -14.52
N SER B 73 -23.09 -1.69 -13.86
CA SER B 73 -22.60 -3.02 -13.49
C SER B 73 -23.40 -3.59 -12.31
N ILE B 74 -23.72 -2.75 -11.32
CA ILE B 74 -24.54 -3.21 -10.21
C ILE B 74 -25.92 -3.62 -10.70
N ARG B 75 -26.51 -2.81 -11.58
CA ARG B 75 -27.84 -3.13 -12.11
C ARG B 75 -27.81 -4.37 -12.99
N ALA B 76 -26.69 -4.61 -13.68
CA ALA B 76 -26.61 -5.77 -14.56
C ALA B 76 -26.58 -7.07 -13.76
N ARG B 77 -26.04 -7.05 -12.56
CA ARG B 77 -25.92 -8.24 -11.74
C ARG B 77 -27.00 -8.35 -10.67
N ASP B 78 -27.59 -7.23 -10.25
CA ASP B 78 -28.68 -7.21 -9.28
C ASP B 78 -29.81 -6.42 -9.92
N PRO B 79 -30.64 -7.07 -10.73
CA PRO B 79 -31.64 -6.32 -11.53
C PRO B 79 -32.57 -5.43 -10.71
N GLY B 80 -32.65 -5.63 -9.40
CA GLY B 80 -33.51 -4.79 -8.58
C GLY B 80 -32.73 -3.83 -7.71
N ALA B 81 -31.47 -3.57 -8.08
CA ALA B 81 -30.62 -2.74 -7.26
C ALA B 81 -31.15 -1.32 -7.18
N ARG B 82 -30.92 -0.68 -6.04
CA ARG B 82 -31.28 0.72 -5.81
C ARG B 82 -29.98 1.49 -5.56
N VAL B 83 -29.55 2.22 -6.58
CA VAL B 83 -28.26 2.90 -6.60
C VAL B 83 -28.50 4.40 -6.58
N LEU B 84 -27.82 5.09 -5.67
CA LEU B 84 -27.89 6.54 -5.56
C LEU B 84 -26.52 7.12 -5.85
N ILE B 85 -26.45 8.02 -6.82
CA ILE B 85 -25.23 8.77 -7.12
C ILE B 85 -25.38 10.15 -6.52
N VAL B 86 -24.39 10.57 -5.74
CA VAL B 86 -24.33 11.90 -5.16
C VAL B 86 -23.22 12.66 -5.87
N SER B 87 -23.60 13.70 -6.61
CA SER B 87 -22.67 14.47 -7.43
C SER B 87 -22.73 15.93 -7.04
N GLU B 88 -21.57 16.53 -6.81
CA GLU B 88 -21.51 17.96 -6.58
C GLU B 88 -21.70 18.73 -7.89
N ASP B 89 -21.41 18.10 -9.02
CA ASP B 89 -21.65 18.73 -10.30
C ASP B 89 -23.16 18.87 -10.53
N PRO B 90 -23.62 19.99 -11.09
CA PRO B 90 -25.06 20.12 -11.35
C PRO B 90 -25.54 19.31 -12.54
N GLU B 91 -24.64 18.84 -13.39
CA GLU B 91 -25.00 18.10 -14.59
C GLU B 91 -25.01 16.60 -14.29
N LEU B 92 -25.82 15.87 -15.05
CA LEU B 92 -25.88 14.43 -14.93
C LEU B 92 -24.60 13.82 -15.50
N PRO B 93 -24.33 12.55 -15.19
CA PRO B 93 -23.09 11.92 -15.66
C PRO B 93 -22.87 12.10 -17.15
N TYR B 94 -21.65 12.50 -17.51
CA TYR B 94 -21.28 12.68 -18.91
C TYR B 94 -19.81 12.32 -19.11
N MET B 95 -19.46 12.05 -20.35
CA MET B 95 -18.08 11.74 -20.72
C MET B 95 -17.34 13.01 -21.09
N ARG B 96 -16.03 13.01 -20.80
CA ARG B 96 -15.21 14.21 -20.92
C ARG B 96 -14.38 14.30 -22.21
N PRO B 97 -13.98 13.20 -22.83
CA PRO B 97 -13.10 13.30 -24.02
C PRO B 97 -13.67 14.24 -25.08
N PRO B 98 -14.97 14.21 -25.35
CA PRO B 98 -15.50 15.12 -26.39
C PRO B 98 -15.32 16.59 -26.07
N LEU B 99 -15.03 16.94 -24.82
CA LEU B 99 -14.89 18.36 -24.46
C LEU B 99 -13.62 18.97 -25.01
N SER B 100 -12.64 18.15 -25.40
CA SER B 100 -11.39 18.64 -25.97
C SER B 100 -11.18 18.16 -27.39
N LYS B 101 -12.18 17.50 -27.98
CA LYS B 101 -12.01 16.94 -29.32
C LYS B 101 -13.25 17.16 -30.18
N GLU B 102 -14.18 16.21 -30.18
CA GLU B 102 -15.25 16.20 -31.17
C GLU B 102 -16.12 17.45 -31.09
N LEU B 103 -16.36 17.95 -29.88
CA LEU B 103 -17.23 19.11 -29.74
C LEU B 103 -16.63 20.37 -30.36
N TRP B 104 -15.34 20.38 -30.65
CA TRP B 104 -14.70 21.53 -31.30
C TRP B 104 -14.77 21.47 -32.81
N PHE B 105 -14.96 20.28 -33.39
CA PHE B 105 -14.94 20.07 -34.83
C PHE B 105 -16.32 19.75 -35.39
N SER B 106 -17.37 20.31 -34.80
CA SER B 106 -18.73 20.05 -35.24
C SER B 106 -19.24 21.17 -36.13
N ASP B 107 -19.93 20.80 -37.20
CA ASP B 107 -20.53 21.78 -38.10
C ASP B 107 -21.80 22.40 -37.52
N ASP B 108 -22.42 21.75 -36.54
CA ASP B 108 -23.64 22.29 -35.94
C ASP B 108 -23.30 23.54 -35.13
N PRO B 109 -23.94 24.68 -35.39
CA PRO B 109 -23.64 25.89 -34.62
C PRO B 109 -24.22 25.90 -33.22
N ASN B 110 -24.95 24.86 -32.81
CA ASN B 110 -25.52 24.78 -31.48
C ASN B 110 -24.88 23.69 -30.62
N VAL B 111 -23.63 23.32 -30.92
CA VAL B 111 -22.96 22.28 -30.14
C VAL B 111 -22.78 22.73 -28.69
N THR B 112 -22.48 24.00 -28.47
CA THR B 112 -22.35 24.50 -27.10
C THR B 112 -23.66 24.37 -26.32
N LYS B 113 -24.78 24.18 -27.03
CA LYS B 113 -26.08 24.00 -26.39
C LYS B 113 -26.55 22.55 -26.42
N THR B 114 -26.42 21.87 -27.56
CA THR B 114 -26.88 20.50 -27.69
C THR B 114 -25.93 19.50 -27.04
N LEU B 115 -24.63 19.76 -27.09
CA LEU B 115 -23.62 18.85 -26.56
C LEU B 115 -23.68 17.51 -27.29
N ARG B 116 -23.92 17.56 -28.60
CA ARG B 116 -23.95 16.38 -29.44
C ARG B 116 -22.80 16.42 -30.44
N PHE B 117 -22.36 15.24 -30.86
CA PHE B 117 -21.23 15.11 -31.76
C PHE B 117 -21.37 13.80 -32.54
N LYS B 118 -20.56 13.67 -33.58
CA LYS B 118 -20.57 12.47 -34.42
C LYS B 118 -19.40 11.57 -34.08
N GLN B 119 -19.62 10.26 -34.19
CA GLN B 119 -18.60 9.27 -33.88
C GLN B 119 -17.97 8.72 -35.15
N LYS B 123 -21.93 8.37 -36.64
CA LYS B 123 -22.96 8.15 -35.64
C LYS B 123 -23.02 9.33 -34.66
N GLU B 124 -24.15 10.01 -34.60
CA GLU B 124 -24.33 11.15 -33.71
C GLU B 124 -24.81 10.69 -32.33
N ARG B 125 -24.28 11.31 -31.29
CA ARG B 125 -24.65 10.98 -29.92
C ARG B 125 -24.34 12.16 -29.02
N SER B 126 -24.87 12.08 -27.79
CA SER B 126 -24.63 13.07 -26.75
C SER B 126 -23.45 12.67 -25.88
N ILE B 127 -22.89 13.66 -25.18
CA ILE B 127 -21.84 13.35 -24.21
C ILE B 127 -22.42 12.76 -22.94
N TYR B 128 -23.71 12.97 -22.68
CA TYR B 128 -24.35 12.33 -21.54
C TYR B 128 -24.45 10.84 -21.78
N PHE B 129 -24.23 10.06 -20.72
CA PHE B 129 -24.19 8.61 -20.87
C PHE B 129 -25.56 8.05 -21.22
N GLN B 130 -26.62 8.63 -20.67
CA GLN B 130 -27.97 8.23 -21.00
C GLN B 130 -28.89 9.43 -20.80
N PRO B 131 -30.07 9.42 -21.41
CA PRO B 131 -30.95 10.58 -21.29
C PRO B 131 -31.51 10.69 -19.88
N PRO B 132 -31.90 11.90 -19.45
CA PRO B 132 -32.39 12.06 -18.07
C PRO B 132 -33.58 11.17 -17.73
N SER B 133 -34.36 10.74 -18.74
CA SER B 133 -35.55 9.93 -18.46
C SER B 133 -35.19 8.56 -17.91
N PHE B 134 -33.96 8.09 -18.15
CA PHE B 134 -33.58 6.76 -17.70
C PHE B 134 -33.28 6.72 -16.20
N TYR B 135 -33.08 7.86 -15.56
CA TYR B 135 -32.88 7.93 -14.13
C TYR B 135 -34.21 8.03 -13.41
N VAL B 136 -34.21 7.60 -12.15
CA VAL B 136 -35.36 7.75 -11.26
C VAL B 136 -35.04 8.88 -10.30
N SER B 137 -36.10 9.47 -9.74
CA SER B 137 -35.92 10.52 -8.75
C SER B 137 -35.29 9.96 -7.48
N ALA B 138 -34.47 10.81 -6.84
CA ALA B 138 -33.91 10.42 -5.54
C ALA B 138 -35.01 10.28 -4.49
N GLN B 139 -36.10 11.04 -4.62
CA GLN B 139 -37.23 10.90 -3.72
C GLN B 139 -38.04 9.64 -4.01
N ASP B 140 -37.96 9.10 -5.23
CA ASP B 140 -38.68 7.90 -5.60
C ASP B 140 -37.79 6.66 -5.61
N LEU B 141 -36.52 6.79 -5.20
CA LEU B 141 -35.62 5.65 -5.23
C LEU B 141 -35.99 4.59 -4.20
N PRO B 142 -36.25 4.93 -2.93
CA PRO B 142 -36.57 3.89 -1.95
C PRO B 142 -37.96 3.28 -2.09
N HIS B 143 -38.82 3.80 -2.96
CA HIS B 143 -40.17 3.28 -3.13
C HIS B 143 -40.43 2.69 -4.50
N ILE B 144 -39.76 3.19 -5.55
CA ILE B 144 -40.03 2.72 -6.90
C ILE B 144 -39.88 1.21 -6.96
N GLU B 145 -40.73 0.58 -7.76
CA GLU B 145 -40.66 -0.86 -7.98
C GLU B 145 -39.50 -1.20 -8.91
N ASN B 146 -38.78 -2.27 -8.57
CA ASN B 146 -37.63 -2.76 -9.32
C ASN B 146 -36.43 -1.82 -9.23
N GLY B 147 -36.39 -0.96 -8.23
CA GLY B 147 -35.26 -0.09 -8.01
C GLY B 147 -34.95 0.77 -9.23
N GLY B 148 -33.68 1.18 -9.30
CA GLY B 148 -33.23 2.02 -10.39
C GLY B 148 -31.96 2.74 -9.99
N VAL B 149 -31.62 3.76 -10.78
CA VAL B 149 -30.46 4.60 -10.55
C VAL B 149 -30.94 6.04 -10.43
N ALA B 150 -30.61 6.69 -9.33
CA ALA B 150 -30.93 8.09 -9.11
C ALA B 150 -29.64 8.88 -8.94
N VAL B 151 -29.67 10.14 -9.35
CA VAL B 151 -28.52 11.03 -9.25
C VAL B 151 -28.95 12.27 -8.48
N LEU B 152 -28.32 12.49 -7.32
CA LEU B 152 -28.57 13.65 -6.49
C LEU B 152 -27.53 14.71 -6.87
N THR B 153 -27.89 15.55 -7.84
CA THR B 153 -26.98 16.56 -8.34
C THR B 153 -26.91 17.75 -7.38
N GLY B 154 -25.83 18.51 -7.51
CA GLY B 154 -25.65 19.70 -6.70
C GLY B 154 -25.41 19.43 -5.22
N LYS B 155 -24.96 18.23 -4.87
CA LYS B 155 -24.72 17.87 -3.48
C LYS B 155 -23.34 17.25 -3.36
N LYS B 156 -22.61 17.67 -2.33
CA LYS B 156 -21.26 17.17 -2.08
C LYS B 156 -21.26 16.38 -0.78
N VAL B 157 -20.72 15.15 -0.84
CA VAL B 157 -20.44 14.40 0.38
C VAL B 157 -19.23 15.04 1.04
N VAL B 158 -19.43 15.57 2.25
CA VAL B 158 -18.37 16.26 2.97
C VAL B 158 -17.86 15.47 4.17
N GLN B 159 -18.49 14.36 4.52
CA GLN B 159 -18.08 13.56 5.66
C GLN B 159 -18.42 12.09 5.39
N LEU B 160 -17.49 11.22 5.75
CA LEU B 160 -17.63 9.78 5.55
C LEU B 160 -17.40 9.10 6.89
N ASP B 161 -18.41 8.38 7.39
CA ASP B 161 -18.35 7.67 8.66
C ASP B 161 -18.34 6.17 8.37
N VAL B 162 -17.14 5.57 8.37
CA VAL B 162 -16.99 4.19 7.93
C VAL B 162 -17.64 3.23 8.92
N ARG B 163 -17.40 3.43 10.22
CA ARG B 163 -17.93 2.48 11.19
C ARG B 163 -19.46 2.46 11.19
N ASP B 164 -20.09 3.60 10.95
CA ASP B 164 -21.54 3.71 10.95
C ASP B 164 -22.14 3.64 9.55
N ASN B 165 -21.32 3.43 8.52
CA ASN B 165 -21.80 3.32 7.15
C ASN B 165 -22.69 4.51 6.78
N MET B 166 -22.18 5.72 7.04
CA MET B 166 -22.97 6.94 6.91
C MET B 166 -22.14 8.03 6.26
N VAL B 167 -22.81 8.86 5.46
CA VAL B 167 -22.21 10.04 4.87
C VAL B 167 -23.07 11.25 5.23
N LYS B 168 -22.44 12.41 5.28
CA LYS B 168 -23.13 13.68 5.51
C LYS B 168 -22.88 14.60 4.33
N LEU B 169 -23.96 15.12 3.75
CA LEU B 169 -23.84 16.02 2.61
C LEU B 169 -23.61 17.45 3.09
N ASN B 170 -23.32 18.34 2.14
CA ASN B 170 -23.02 19.73 2.46
C ASN B 170 -24.22 20.44 3.06
N ASP B 171 -25.43 19.95 2.84
CA ASP B 171 -26.64 20.58 3.36
C ASP B 171 -27.07 20.01 4.70
N GLY B 172 -26.29 19.08 5.29
CA GLY B 172 -26.63 18.47 6.55
C GLY B 172 -27.32 17.12 6.44
N SER B 173 -27.78 16.76 5.25
CA SER B 173 -28.43 15.47 5.07
C SER B 173 -27.47 14.34 5.42
N GLN B 174 -28.03 13.25 5.95
CA GLN B 174 -27.28 12.06 6.30
C GLN B 174 -27.88 10.86 5.57
N ILE B 175 -27.03 10.08 4.92
CA ILE B 175 -27.43 8.90 4.18
C ILE B 175 -26.61 7.71 4.68
N THR B 176 -27.27 6.62 5.02
CA THR B 176 -26.61 5.37 5.34
C THR B 176 -26.58 4.48 4.10
N TYR B 177 -25.54 3.65 4.01
CA TYR B 177 -25.37 2.77 2.88
C TYR B 177 -25.07 1.36 3.36
N GLU B 178 -25.24 0.41 2.46
CA GLU B 178 -24.77 -0.96 2.66
C GLU B 178 -23.46 -1.23 1.95
N LYS B 179 -23.25 -0.60 0.79
CA LYS B 179 -22.02 -0.73 0.03
C LYS B 179 -21.78 0.60 -0.67
N CYS B 180 -20.55 1.10 -0.59
CA CYS B 180 -20.23 2.43 -1.06
C CYS B 180 -19.05 2.39 -2.02
N LEU B 181 -19.11 3.23 -3.05
CA LEU B 181 -18.02 3.42 -4.01
C LEU B 181 -17.60 4.88 -4.00
N ILE B 182 -16.30 5.11 -3.86
CA ILE B 182 -15.73 6.44 -3.97
C ILE B 182 -15.22 6.61 -5.40
N ALA B 183 -15.83 7.54 -6.13
CA ALA B 183 -15.44 7.83 -7.51
C ALA B 183 -15.42 9.35 -7.69
N THR B 184 -14.61 10.02 -6.88
CA THR B 184 -14.57 11.47 -6.83
C THR B 184 -13.67 12.09 -7.89
N GLY B 185 -12.95 11.28 -8.67
CA GLY B 185 -12.09 11.84 -9.70
C GLY B 185 -11.01 12.71 -9.09
N GLY B 186 -10.71 13.81 -9.78
CA GLY B 186 -9.67 14.73 -9.33
C GLY B 186 -9.93 16.14 -9.81
N THR B 187 -9.20 17.08 -9.21
CA THR B 187 -9.30 18.48 -9.59
C THR B 187 -8.07 18.89 -10.40
N PRO B 188 -8.23 19.72 -11.44
CA PRO B 188 -7.04 20.15 -12.20
C PRO B 188 -6.05 20.89 -11.32
N ARG B 189 -4.78 20.54 -11.45
CA ARG B 189 -3.72 21.26 -10.76
C ARG B 189 -3.54 22.64 -11.37
N SER B 190 -3.12 23.58 -10.54
CA SER B 190 -2.76 24.92 -10.95
C SER B 190 -1.25 25.12 -10.84
N LEU B 191 -0.76 26.19 -11.45
CA LEU B 191 0.64 26.54 -11.35
C LEU B 191 0.85 27.46 -10.16
N SER B 192 1.97 27.24 -9.45
CA SER B 192 2.30 28.14 -8.35
C SER B 192 2.47 29.57 -8.85
N ALA B 193 3.01 29.74 -10.05
CA ALA B 193 3.18 31.09 -10.60
C ALA B 193 1.83 31.77 -10.80
N ILE B 194 0.80 31.01 -11.19
CA ILE B 194 -0.51 31.60 -11.40
C ILE B 194 -1.21 31.86 -10.07
N ASP B 195 -0.99 31.01 -9.06
CA ASP B 195 -1.60 31.25 -7.76
C ASP B 195 -1.02 32.51 -7.11
N ARG B 196 0.28 32.73 -7.24
CA ARG B 196 0.90 33.94 -6.70
C ARG B 196 0.46 35.19 -7.44
N ALA B 197 0.03 35.08 -8.69
CA ALA B 197 -0.43 36.23 -9.45
C ALA B 197 -1.73 36.77 -8.83
N GLY B 198 -2.29 37.79 -9.48
CA GLY B 198 -3.47 38.46 -8.98
C GLY B 198 -4.75 37.92 -9.57
N ALA B 199 -5.85 38.61 -9.26
CA ALA B 199 -7.16 38.19 -9.75
C ALA B 199 -7.28 38.39 -11.25
N GLU B 200 -6.63 39.41 -11.81
CA GLU B 200 -6.68 39.61 -13.25
C GLU B 200 -6.12 38.39 -13.98
N VAL B 201 -5.09 37.76 -13.42
CA VAL B 201 -4.51 36.58 -14.05
C VAL B 201 -5.38 35.36 -13.78
N LYS B 202 -5.79 35.18 -12.52
CA LYS B 202 -6.60 34.00 -12.17
C LYS B 202 -7.93 34.01 -12.92
N SER B 203 -8.54 35.18 -13.10
CA SER B 203 -9.82 35.25 -13.81
C SER B 203 -9.66 35.06 -15.30
N ARG B 204 -8.44 35.20 -15.84
CA ARG B 204 -8.15 34.97 -17.24
C ARG B 204 -7.40 33.66 -17.44
N THR B 205 -7.49 32.74 -16.49
CA THR B 205 -6.88 31.42 -16.58
C THR B 205 -7.98 30.37 -16.47
N THR B 206 -7.97 29.41 -17.38
CA THR B 206 -8.99 28.37 -17.45
C THR B 206 -8.38 27.04 -17.04
N LEU B 207 -9.05 26.32 -16.16
CA LEU B 207 -8.70 24.97 -15.78
C LEU B 207 -9.73 24.06 -16.45
N PHE B 208 -9.32 23.40 -17.53
CA PHE B 208 -10.26 22.73 -18.41
C PHE B 208 -10.58 21.35 -17.85
N ARG B 209 -11.85 21.10 -17.57
CA ARG B 209 -12.28 19.81 -17.05
C ARG B 209 -13.76 19.57 -17.30
N LYS B 210 -14.60 20.58 -17.06
CA LYS B 210 -16.04 20.42 -17.05
C LYS B 210 -16.68 21.01 -18.31
N ILE B 211 -17.98 20.74 -18.46
CA ILE B 211 -18.72 21.28 -19.59
C ILE B 211 -18.63 22.80 -19.59
N GLY B 212 -18.73 23.42 -18.42
CA GLY B 212 -18.62 24.87 -18.35
C GLY B 212 -17.30 25.40 -18.84
N ASP B 213 -16.22 24.63 -18.67
CA ASP B 213 -14.92 25.06 -19.17
C ASP B 213 -14.88 25.05 -20.69
N PHE B 214 -15.53 24.05 -21.30
CA PHE B 214 -15.63 24.02 -22.76
C PHE B 214 -16.41 25.22 -23.27
N ARG B 215 -17.53 25.54 -22.63
CA ARG B 215 -18.34 26.68 -23.08
C ARG B 215 -17.61 28.00 -22.87
N SER B 216 -17.00 28.19 -21.70
CA SER B 216 -16.30 29.44 -21.44
C SER B 216 -15.10 29.60 -22.38
N LEU B 217 -14.34 28.53 -22.59
CA LEU B 217 -13.17 28.62 -23.46
C LEU B 217 -13.58 28.75 -24.91
N GLU B 218 -14.61 28.03 -25.33
CA GLU B 218 -15.10 28.18 -26.69
C GLU B 218 -15.56 29.62 -26.94
N LYS B 219 -16.16 30.25 -25.92
CA LYS B 219 -16.52 31.64 -26.03
C LYS B 219 -15.30 32.54 -26.12
N ILE B 220 -14.26 32.23 -25.33
CA ILE B 220 -13.04 33.05 -25.35
C ILE B 220 -12.38 32.98 -26.72
N SER B 221 -12.31 31.78 -27.31
CA SER B 221 -11.66 31.62 -28.60
C SER B 221 -12.30 32.48 -29.69
N ARG B 222 -13.53 32.95 -29.46
CA ARG B 222 -14.23 33.81 -30.41
C ARG B 222 -14.13 35.28 -30.05
N GLU B 223 -13.39 35.64 -29.00
CA GLU B 223 -13.37 37.01 -28.51
C GLU B 223 -11.95 37.57 -28.42
N VAL B 224 -10.96 36.70 -28.22
CA VAL B 224 -9.58 37.14 -28.01
C VAL B 224 -8.76 36.79 -29.25
N LYS B 225 -7.57 37.40 -29.33
CA LYS B 225 -6.67 37.20 -30.46
C LYS B 225 -5.58 36.17 -30.19
N SER B 226 -5.29 35.85 -28.93
CA SER B 226 -4.20 34.94 -28.59
C SER B 226 -4.54 34.14 -27.34
N ILE B 227 -4.36 32.82 -27.42
CA ILE B 227 -4.55 31.92 -26.30
C ILE B 227 -3.30 31.07 -26.13
N THR B 228 -2.84 30.92 -24.90
CA THR B 228 -1.64 30.16 -24.59
C THR B 228 -2.01 28.94 -23.76
N ILE B 229 -1.59 27.77 -24.21
CA ILE B 229 -1.80 26.50 -23.51
C ILE B 229 -0.51 26.15 -22.78
N ILE B 230 -0.61 25.93 -21.48
CA ILE B 230 0.52 25.52 -20.65
C ILE B 230 0.32 24.05 -20.28
N GLY B 231 1.23 23.19 -20.74
CA GLY B 231 1.13 21.77 -20.53
C GLY B 231 1.24 21.01 -21.84
N GLY B 232 2.08 19.98 -21.88
CA GLY B 232 2.35 19.25 -23.10
C GLY B 232 1.82 17.83 -23.14
N GLY B 233 0.89 17.52 -22.25
CA GLY B 233 0.28 16.21 -22.20
C GLY B 233 -0.84 16.08 -23.20
N PHE B 234 -1.68 15.05 -22.98
CA PHE B 234 -2.82 14.84 -23.86
C PHE B 234 -3.70 16.08 -23.93
N LEU B 235 -4.15 16.56 -22.78
CA LEU B 235 -5.12 17.65 -22.75
C LEU B 235 -4.56 18.91 -23.38
N GLY B 236 -3.32 19.27 -23.05
CA GLY B 236 -2.72 20.45 -23.65
C GLY B 236 -2.56 20.30 -25.15
N SER B 237 -2.20 19.10 -25.61
CA SER B 237 -1.99 18.89 -27.04
C SER B 237 -3.32 18.88 -27.80
N GLU B 238 -4.35 18.24 -27.23
CA GLU B 238 -5.63 18.15 -27.92
C GLU B 238 -6.33 19.51 -27.98
N LEU B 239 -6.17 20.34 -26.95
CA LEU B 239 -6.74 21.69 -27.01
C LEU B 239 -5.94 22.59 -27.95
N ALA B 240 -4.64 22.32 -28.11
CA ALA B 240 -3.85 23.09 -29.06
C ALA B 240 -4.30 22.83 -30.49
N CYS B 241 -4.41 21.56 -30.88
CA CYS B 241 -4.89 21.24 -32.22
C CYS B 241 -6.30 21.78 -32.44
N ALA B 242 -7.18 21.63 -31.45
CA ALA B 242 -8.55 22.10 -31.60
C ALA B 242 -8.59 23.61 -31.79
N LEU B 243 -7.82 24.37 -30.99
CA LEU B 243 -7.81 25.81 -31.14
C LEU B 243 -7.04 26.23 -32.40
N GLY B 244 -6.03 25.45 -32.79
CA GLY B 244 -5.28 25.80 -34.00
C GLY B 244 -6.11 25.72 -35.25
N ARG B 245 -6.93 24.67 -35.38
CA ARG B 245 -7.84 24.56 -36.51
C ARG B 245 -8.81 25.74 -36.54
N LYS B 246 -9.42 26.04 -35.39
CA LYS B 246 -10.32 27.19 -35.31
C LYS B 246 -9.57 28.49 -35.54
N ALA B 247 -8.27 28.52 -35.23
CA ALA B 247 -7.47 29.73 -35.36
C ALA B 247 -6.90 29.92 -36.76
N ARG B 248 -6.60 28.83 -37.48
CA ARG B 248 -6.07 28.94 -38.83
C ARG B 248 -7.09 29.48 -39.82
N ALA B 249 -8.35 29.64 -39.42
CA ALA B 249 -9.38 30.24 -40.25
C ALA B 249 -9.67 31.68 -39.88
N LEU B 250 -9.71 32.00 -38.59
CA LEU B 250 -9.99 33.36 -38.12
C LEU B 250 -8.74 34.22 -38.04
N GLY B 251 -7.56 33.65 -38.27
CA GLY B 251 -6.33 34.42 -38.19
C GLY B 251 -5.88 34.76 -36.79
N THR B 252 -6.20 33.92 -35.81
CA THR B 252 -5.80 34.14 -34.43
C THR B 252 -4.56 33.31 -34.11
N GLU B 253 -4.07 33.45 -32.89
CA GLU B 253 -2.84 32.80 -32.45
C GLU B 253 -3.14 31.76 -31.38
N VAL B 254 -2.40 30.65 -31.43
CA VAL B 254 -2.45 29.61 -30.41
C VAL B 254 -1.02 29.23 -30.07
N ILE B 255 -0.68 29.28 -28.78
CA ILE B 255 0.66 28.95 -28.30
C ILE B 255 0.55 27.80 -27.32
N GLN B 256 1.51 26.88 -27.40
CA GLN B 256 1.64 25.80 -26.42
C GLN B 256 3.08 25.77 -25.93
N LEU B 257 3.25 25.83 -24.61
CA LEU B 257 4.57 25.76 -23.99
C LEU B 257 4.52 24.77 -22.83
N PHE B 258 5.60 24.02 -22.67
CA PHE B 258 5.67 22.98 -21.65
C PHE B 258 7.14 22.73 -21.31
N PRO B 259 7.43 22.12 -20.16
CA PRO B 259 8.84 21.92 -19.78
C PRO B 259 9.53 20.81 -20.55
N GLU B 260 8.80 19.85 -21.09
CA GLU B 260 9.43 18.70 -21.73
C GLU B 260 10.04 19.12 -23.07
N LYS B 261 10.86 18.21 -23.62
CA LYS B 261 11.48 18.46 -24.92
C LYS B 261 10.48 18.39 -26.06
N GLY B 262 9.30 17.83 -25.84
CA GLY B 262 8.31 17.74 -26.88
C GLY B 262 6.98 17.30 -26.32
N ASN B 263 5.94 17.43 -27.15
CA ASN B 263 4.62 17.00 -26.75
C ASN B 263 4.63 15.51 -26.39
N MET B 264 3.91 15.17 -25.33
CA MET B 264 3.83 13.78 -24.87
C MET B 264 5.20 13.25 -24.44
N GLY B 265 6.07 14.16 -23.97
CA GLY B 265 7.42 13.75 -23.62
C GLY B 265 7.48 12.73 -22.51
N LYS B 266 6.58 12.83 -21.55
CA LYS B 266 6.58 11.94 -20.40
C LYS B 266 5.90 10.60 -20.66
N ILE B 267 5.38 10.38 -21.87
CA ILE B 267 4.64 9.16 -22.20
C ILE B 267 5.30 8.42 -23.35
N LEU B 268 5.57 9.11 -24.46
CA LEU B 268 6.17 8.52 -25.65
C LEU B 268 7.68 8.73 -25.66
N PRO B 269 8.42 7.88 -26.36
CA PRO B 269 9.87 8.10 -26.49
C PRO B 269 10.18 9.37 -27.26
N GLU B 270 11.45 9.77 -27.18
CA GLU B 270 11.86 11.07 -27.73
C GLU B 270 11.46 11.22 -29.20
N TYR B 271 11.64 10.17 -30.01
CA TYR B 271 11.38 10.31 -31.43
C TYR B 271 9.89 10.51 -31.71
N LEU B 272 9.04 9.67 -31.11
CA LEU B 272 7.60 9.83 -31.30
C LEU B 272 7.09 11.11 -30.64
N SER B 273 7.77 11.59 -29.61
CA SER B 273 7.40 12.86 -29.01
C SER B 273 7.64 14.01 -29.99
N ASN B 274 8.77 14.01 -30.69
N ASN B 274 8.77 14.00 -30.70
CA ASN B 274 9.06 15.06 -31.65
CA ASN B 274 9.06 15.06 -31.66
C ASN B 274 8.08 15.02 -32.82
C ASN B 274 8.08 15.02 -32.82
N TRP B 275 7.71 13.83 -33.28
CA TRP B 275 6.75 13.73 -34.38
C TRP B 275 5.40 14.30 -33.98
N THR B 276 4.97 14.05 -32.74
CA THR B 276 3.71 14.62 -32.28
C THR B 276 3.79 16.13 -32.20
N MET B 277 4.94 16.67 -31.80
CA MET B 277 5.09 18.12 -31.75
C MET B 277 4.99 18.72 -33.14
N GLU B 278 5.48 18.02 -34.17
CA GLU B 278 5.39 18.53 -35.53
C GLU B 278 3.96 18.48 -36.06
N LYS B 279 3.20 17.46 -35.67
CA LYS B 279 1.80 17.40 -36.09
C LYS B 279 0.99 18.53 -35.48
N VAL B 280 1.34 18.95 -34.25
CA VAL B 280 0.67 20.08 -33.63
C VAL B 280 1.06 21.37 -34.34
N ARG B 281 2.33 21.51 -34.71
CA ARG B 281 2.77 22.71 -35.42
C ARG B 281 2.12 22.81 -36.79
N ARG B 282 1.82 21.68 -37.43
CA ARG B 282 1.16 21.73 -38.73
C ARG B 282 -0.28 22.20 -38.65
N GLU B 283 -0.86 22.28 -37.46
CA GLU B 283 -2.18 22.86 -37.27
C GLU B 283 -2.14 24.36 -37.02
N GLY B 284 -0.96 24.96 -36.99
CA GLY B 284 -0.81 26.38 -36.77
C GLY B 284 -0.40 26.78 -35.38
N VAL B 285 -0.19 25.82 -34.49
CA VAL B 285 0.14 26.13 -33.10
C VAL B 285 1.62 26.45 -32.98
N LYS B 286 1.92 27.49 -32.21
CA LYS B 286 3.30 27.86 -31.88
C LYS B 286 3.70 27.08 -30.64
N VAL B 287 4.43 25.98 -30.84
CA VAL B 287 4.85 25.11 -29.75
C VAL B 287 6.21 25.54 -29.24
N MET B 288 6.31 25.77 -27.93
CA MET B 288 7.54 26.22 -27.28
C MET B 288 7.97 25.18 -26.25
N PRO B 289 8.71 24.14 -26.66
CA PRO B 289 9.19 23.17 -25.67
C PRO B 289 10.26 23.75 -24.76
N ASN B 290 10.71 22.95 -23.78
CA ASN B 290 11.74 23.39 -22.84
C ASN B 290 11.40 24.74 -22.22
N ALA B 291 10.14 24.89 -21.81
CA ALA B 291 9.63 26.15 -21.27
C ALA B 291 9.14 25.91 -19.85
N ILE B 292 9.73 26.65 -18.91
CA ILE B 292 9.34 26.61 -17.51
C ILE B 292 8.83 28.00 -17.12
N VAL B 293 7.69 28.05 -16.44
CA VAL B 293 7.07 29.33 -16.09
C VAL B 293 7.69 29.84 -14.80
N GLN B 294 8.14 31.10 -14.83
CA GLN B 294 8.66 31.77 -13.64
C GLN B 294 7.63 32.71 -13.01
N SER B 295 6.89 33.45 -13.83
CA SER B 295 5.92 34.41 -13.33
C SER B 295 4.88 34.68 -14.40
N VAL B 296 3.72 35.19 -13.96
CA VAL B 296 2.65 35.58 -14.86
C VAL B 296 2.07 36.90 -14.37
N GLY B 297 1.96 37.87 -15.28
CA GLY B 297 1.47 39.19 -14.92
C GLY B 297 0.71 39.83 -16.07
N VAL B 298 0.17 41.02 -15.80
CA VAL B 298 -0.59 41.78 -16.77
C VAL B 298 0.22 42.99 -17.19
N SER B 299 0.30 43.22 -18.51
CA SER B 299 1.03 44.35 -19.07
C SER B 299 0.21 44.90 -20.23
N SER B 300 -0.33 46.11 -20.04
CA SER B 300 -1.16 46.76 -21.07
C SER B 300 -2.37 45.90 -21.42
N GLY B 301 -3.06 45.42 -20.39
CA GLY B 301 -4.23 44.59 -20.56
C GLY B 301 -3.98 43.22 -21.15
N LYS B 302 -2.71 42.83 -21.34
CA LYS B 302 -2.34 41.55 -21.90
C LYS B 302 -1.58 40.74 -20.86
N LEU B 303 -1.78 39.43 -20.89
CA LEU B 303 -1.07 38.54 -19.96
C LEU B 303 0.37 38.39 -20.42
N LEU B 304 1.31 38.62 -19.51
CA LEU B 304 2.74 38.52 -19.79
C LEU B 304 3.30 37.33 -19.03
N ILE B 305 3.75 36.31 -19.76
CA ILE B 305 4.34 35.12 -19.18
C ILE B 305 5.85 35.21 -19.40
N LYS B 306 6.60 35.34 -18.32
CA LYS B 306 8.05 35.37 -18.37
C LYS B 306 8.56 33.97 -18.03
N LEU B 307 9.21 33.32 -18.99
CA LEU B 307 9.72 31.97 -18.77
C LEU B 307 11.08 32.03 -18.05
N LYS B 308 11.39 30.92 -17.37
CA LYS B 308 12.62 30.86 -16.59
C LYS B 308 13.85 31.05 -17.47
N ASP B 309 13.78 30.64 -18.74
CA ASP B 309 14.93 30.73 -19.64
C ASP B 309 15.07 32.11 -20.27
N GLY B 310 14.20 33.07 -19.93
CA GLY B 310 14.32 34.45 -20.36
C GLY B 310 13.21 34.89 -21.31
N ARG B 311 12.71 34.00 -22.15
CA ARG B 311 11.70 34.36 -23.12
C ARG B 311 10.47 34.96 -22.43
N LYS B 312 9.72 35.75 -23.19
CA LYS B 312 8.50 36.39 -22.71
C LYS B 312 7.40 36.17 -23.73
N VAL B 313 6.21 35.79 -23.26
CA VAL B 313 5.06 35.50 -24.11
C VAL B 313 3.92 36.42 -23.70
N GLU B 314 3.40 37.18 -24.65
CA GLU B 314 2.22 38.03 -24.44
C GLU B 314 1.01 37.33 -25.03
N THR B 315 -0.06 37.22 -24.24
CA THR B 315 -1.27 36.55 -24.69
C THR B 315 -2.48 37.17 -23.99
N ASP B 316 -3.66 36.73 -24.43
CA ASP B 316 -4.91 37.27 -23.90
C ASP B 316 -5.58 36.34 -22.90
N HIS B 317 -5.41 35.04 -23.03
CA HIS B 317 -6.03 34.07 -22.14
C HIS B 317 -5.11 32.88 -22.01
N ILE B 318 -5.18 32.22 -20.84
CA ILE B 318 -4.32 31.08 -20.53
C ILE B 318 -5.19 29.87 -20.23
N VAL B 319 -4.79 28.72 -20.74
CA VAL B 319 -5.37 27.43 -20.40
C VAL B 319 -4.28 26.60 -19.76
N ALA B 320 -4.45 26.28 -18.47
CA ALA B 320 -3.47 25.50 -17.72
C ALA B 320 -3.93 24.05 -17.68
N ALA B 321 -3.22 23.19 -18.41
CA ALA B 321 -3.44 21.75 -18.40
C ALA B 321 -2.16 21.10 -17.88
N VAL B 322 -1.97 21.19 -16.56
CA VAL B 322 -0.72 20.75 -15.95
C VAL B 322 -0.97 19.63 -14.93
N GLY B 323 -1.87 18.71 -15.26
CA GLY B 323 -2.06 17.51 -14.46
C GLY B 323 -3.27 17.57 -13.55
N LEU B 324 -3.47 16.48 -12.82
CA LEU B 324 -4.66 16.26 -12.02
C LEU B 324 -4.29 15.95 -10.57
N GLU B 325 -5.11 16.45 -9.64
CA GLU B 325 -4.92 16.20 -8.21
C GLU B 325 -6.08 15.35 -7.70
N PRO B 326 -5.83 14.14 -7.17
CA PRO B 326 -6.96 13.30 -6.73
C PRO B 326 -7.77 13.94 -5.62
N ASN B 327 -9.08 13.76 -5.69
CA ASN B 327 -10.02 14.30 -4.71
C ASN B 327 -10.11 13.32 -3.54
N VAL B 328 -9.28 13.53 -2.52
CA VAL B 328 -9.18 12.60 -1.40
C VAL B 328 -9.60 13.27 -0.10
N GLU B 329 -10.44 14.30 -0.18
CA GLU B 329 -10.87 14.99 1.03
C GLU B 329 -11.54 14.03 2.00
N LEU B 330 -12.34 13.09 1.49
CA LEU B 330 -13.09 12.18 2.34
C LEU B 330 -12.20 11.18 3.08
N ALA B 331 -10.91 11.11 2.75
CA ALA B 331 -10.03 10.18 3.45
C ALA B 331 -9.79 10.60 4.90
N LYS B 332 -9.84 11.90 5.17
CA LYS B 332 -9.64 12.39 6.53
C LYS B 332 -10.71 11.86 7.48
N THR B 333 -11.97 12.26 7.24
CA THR B 333 -13.06 11.84 8.12
C THR B 333 -13.27 10.33 8.08
N GLY B 334 -13.07 9.72 6.92
CA GLY B 334 -13.26 8.28 6.79
C GLY B 334 -12.15 7.42 7.35
N GLY B 335 -11.03 8.02 7.75
CA GLY B 335 -9.89 7.23 8.19
C GLY B 335 -9.39 6.28 7.11
N LEU B 336 -9.39 6.72 5.86
CA LEU B 336 -8.96 5.90 4.74
C LEU B 336 -7.52 6.25 4.37
N GLU B 337 -6.75 5.23 4.02
CA GLU B 337 -5.36 5.43 3.66
C GLU B 337 -5.25 6.02 2.27
N ILE B 338 -4.37 7.01 2.11
CA ILE B 338 -4.03 7.54 0.80
C ILE B 338 -2.59 7.16 0.49
N ASP B 339 -2.30 7.02 -0.80
CA ASP B 339 -0.97 6.61 -1.25
C ASP B 339 -0.10 7.86 -1.43
N SER B 340 1.01 7.92 -0.69
CA SER B 340 1.90 9.08 -0.76
C SER B 340 2.74 9.11 -2.04
N ASP B 341 2.92 7.97 -2.70
CA ASP B 341 3.71 7.94 -3.93
C ASP B 341 2.89 8.34 -5.14
N PHE B 342 1.75 7.66 -5.35
CA PHE B 342 0.90 7.90 -6.51
C PHE B 342 -0.25 8.85 -6.24
N GLY B 343 -0.59 9.09 -4.98
CA GLY B 343 -1.77 9.85 -4.64
C GLY B 343 -3.03 9.02 -4.76
N GLY B 344 -4.12 9.54 -4.21
CA GLY B 344 -5.40 8.86 -4.27
C GLY B 344 -5.57 7.84 -3.17
N PHE B 345 -6.77 7.26 -3.12
CA PHE B 345 -7.08 6.25 -2.12
C PHE B 345 -6.32 4.96 -2.44
N ARG B 346 -5.70 4.40 -1.42
CA ARG B 346 -5.00 3.13 -1.57
C ARG B 346 -6.00 1.98 -1.45
N VAL B 347 -6.07 1.14 -2.49
CA VAL B 347 -6.97 -0.01 -2.52
C VAL B 347 -6.20 -1.19 -3.10
N ASN B 348 -6.76 -2.39 -2.87
CA ASN B 348 -6.10 -3.63 -3.24
C ASN B 348 -6.45 -3.97 -4.70
N ALA B 349 -6.11 -5.19 -5.11
CA ALA B 349 -6.33 -5.60 -6.49
C ALA B 349 -7.80 -5.61 -6.88
N GLU B 350 -8.71 -5.73 -5.91
CA GLU B 350 -10.14 -5.74 -6.18
C GLU B 350 -10.77 -4.36 -6.04
N LEU B 351 -9.95 -3.30 -5.97
CA LEU B 351 -10.42 -1.93 -5.83
C LEU B 351 -11.13 -1.69 -4.50
N GLN B 352 -10.86 -2.52 -3.50
CA GLN B 352 -11.52 -2.40 -2.21
C GLN B 352 -10.62 -1.68 -1.22
N ALA B 353 -11.21 -0.76 -0.46
CA ALA B 353 -10.52 -0.06 0.62
C ALA B 353 -10.83 -0.69 1.98
N ARG B 354 -12.12 -0.80 2.31
CA ARG B 354 -12.57 -1.44 3.54
C ARG B 354 -13.68 -2.42 3.20
N SER B 355 -14.31 -3.01 4.22
CA SER B 355 -15.29 -4.08 3.98
C SER B 355 -16.37 -3.67 2.99
N ASN B 356 -16.88 -2.44 3.12
CA ASN B 356 -18.01 -2.00 2.32
C ASN B 356 -17.70 -0.75 1.49
N ILE B 357 -16.43 -0.52 1.18
CA ILE B 357 -15.99 0.69 0.48
C ILE B 357 -15.03 0.29 -0.62
N TRP B 358 -15.34 0.67 -1.85
CA TRP B 358 -14.46 0.50 -2.99
C TRP B 358 -14.09 1.87 -3.56
N VAL B 359 -13.09 1.87 -4.43
CA VAL B 359 -12.63 3.09 -5.09
C VAL B 359 -12.30 2.77 -6.53
N ALA B 360 -12.73 3.63 -7.45
CA ALA B 360 -12.50 3.45 -8.87
C ALA B 360 -12.21 4.81 -9.50
N GLY B 361 -11.65 4.76 -10.71
CA GLY B 361 -11.44 5.98 -11.48
C GLY B 361 -10.09 6.63 -11.23
N ASP B 362 -10.05 7.92 -11.54
CA ASP B 362 -8.82 8.69 -11.39
C ASP B 362 -8.35 8.70 -9.94
N ALA B 363 -9.28 8.56 -8.99
CA ALA B 363 -8.94 8.67 -7.58
C ALA B 363 -8.42 7.37 -6.99
N ALA B 364 -8.45 6.27 -7.74
CA ALA B 364 -8.13 4.96 -7.19
C ALA B 364 -6.69 4.55 -7.43
N CSX B 365 -5.94 4.42 -6.34
CA CSX B 365 -4.63 3.81 -6.40
CB CSX B 365 -3.64 4.50 -5.48
SG CSX B 365 -1.98 3.96 -5.72
C CSX B 365 -4.71 2.34 -6.01
O CSX B 365 -4.81 1.94 -4.85
OD CSX B 365 -1.56 3.43 -4.40
H CSX B 365 -6.08 4.89 -5.47
HA CSX B 365 -4.21 3.90 -7.44
HB2 CSX B 365 -3.92 4.31 -4.41
HB3 CSX B 365 -3.68 5.61 -5.65
HG CSX B 365 -2.22 2.90 -6.44
N PHE B 366 -4.62 1.49 -7.04
CA PHE B 366 -4.88 0.06 -6.90
C PHE B 366 -3.62 -0.77 -7.14
N TYR B 367 -3.72 -2.06 -6.88
CA TYR B 367 -2.61 -2.98 -7.08
C TYR B 367 -2.86 -3.81 -8.33
N ASP B 368 -1.94 -3.73 -9.27
CA ASP B 368 -1.98 -4.54 -10.49
C ASP B 368 -1.15 -5.79 -10.24
N ILE B 369 -1.78 -6.96 -10.32
CA ILE B 369 -1.09 -8.21 -9.99
C ILE B 369 0.13 -8.41 -10.89
N LYS B 370 0.08 -7.90 -12.12
CA LYS B 370 1.17 -8.09 -13.07
C LYS B 370 2.15 -6.93 -13.10
N LEU B 371 1.70 -5.71 -12.84
CA LEU B 371 2.51 -4.51 -13.06
C LEU B 371 2.80 -3.71 -11.80
N GLY B 372 2.16 -4.04 -10.68
CA GLY B 372 2.42 -3.33 -9.43
C GLY B 372 1.40 -2.27 -9.14
N ARG B 373 1.68 -1.49 -8.11
CA ARG B 373 0.76 -0.45 -7.67
C ARG B 373 0.71 0.69 -8.69
N ARG B 374 -0.50 1.16 -8.98
CA ARG B 374 -0.70 2.14 -10.05
C ARG B 374 -1.84 3.08 -9.70
N ARG B 375 -1.84 4.23 -10.36
CA ARG B 375 -3.03 5.08 -10.45
C ARG B 375 -3.15 5.59 -11.87
N VAL B 376 -4.27 5.29 -12.51
CA VAL B 376 -4.48 5.57 -13.93
C VAL B 376 -5.56 6.65 -14.05
N GLU B 377 -5.32 7.61 -14.93
CA GLU B 377 -6.20 8.77 -15.09
C GLU B 377 -6.64 8.86 -16.56
N HIS B 378 -7.42 7.89 -17.03
CA HIS B 378 -7.98 8.03 -18.37
C HIS B 378 -9.33 7.31 -18.45
N HIS B 379 -10.06 7.62 -19.53
CA HIS B 379 -11.49 7.34 -19.59
C HIS B 379 -11.76 5.85 -19.55
N ASP B 380 -11.10 5.07 -20.41
CA ASP B 380 -11.38 3.64 -20.44
C ASP B 380 -11.11 2.99 -19.09
N HIS B 381 -10.13 3.50 -18.33
CA HIS B 381 -9.85 2.92 -17.03
C HIS B 381 -10.96 3.21 -16.04
N ALA B 382 -11.52 4.43 -16.08
CA ALA B 382 -12.66 4.73 -15.23
C ALA B 382 -13.83 3.80 -15.54
N VAL B 383 -14.03 3.48 -16.82
CA VAL B 383 -15.08 2.55 -17.21
C VAL B 383 -14.74 1.14 -16.72
N VAL B 384 -13.49 0.71 -16.95
CA VAL B 384 -13.09 -0.65 -16.56
C VAL B 384 -13.14 -0.79 -15.05
N SER B 385 -12.51 0.13 -14.33
CA SER B 385 -12.49 0.02 -12.87
C SER B 385 -13.87 0.29 -12.28
N GLY B 386 -14.63 1.19 -12.88
CA GLY B 386 -16.00 1.39 -12.43
C GLY B 386 -16.82 0.13 -12.55
N ARG B 387 -16.74 -0.54 -13.69
CA ARG B 387 -17.45 -1.80 -13.87
C ARG B 387 -16.97 -2.84 -12.86
N LEU B 388 -15.65 -2.95 -12.66
CA LEU B 388 -15.11 -3.92 -11.73
C LEU B 388 -15.62 -3.68 -10.32
N ALA B 389 -15.61 -2.42 -9.87
CA ALA B 389 -16.11 -2.11 -8.54
C ALA B 389 -17.58 -2.49 -8.41
N GLY B 390 -18.37 -2.25 -9.45
CA GLY B 390 -19.78 -2.61 -9.38
C GLY B 390 -20.00 -4.11 -9.25
N GLU B 391 -19.20 -4.91 -9.96
CA GLU B 391 -19.30 -6.35 -9.82
C GLU B 391 -18.86 -6.80 -8.43
N ASN B 392 -17.77 -6.23 -7.92
CA ASN B 392 -17.30 -6.63 -6.59
C ASN B 392 -18.24 -6.12 -5.50
N MET B 393 -18.94 -5.02 -5.73
CA MET B 393 -19.99 -4.60 -4.82
C MET B 393 -21.18 -5.55 -4.83
N THR B 394 -21.25 -6.44 -5.82
CA THR B 394 -22.24 -7.51 -5.87
C THR B 394 -21.56 -8.87 -5.73
N GLY B 395 -20.51 -8.93 -4.91
CA GLY B 395 -19.91 -10.19 -4.51
C GLY B 395 -18.98 -10.84 -5.52
N ALA B 396 -18.55 -10.13 -6.56
CA ALA B 396 -17.76 -10.77 -7.60
C ALA B 396 -16.38 -11.18 -7.08
N ALA B 397 -15.76 -10.34 -6.25
CA ALA B 397 -14.43 -10.62 -5.71
C ALA B 397 -13.40 -10.81 -6.82
N LYS B 398 -13.50 -10.00 -7.88
CA LYS B 398 -12.60 -10.12 -9.02
C LYS B 398 -11.45 -9.11 -8.91
N PRO B 399 -10.22 -9.51 -9.22
CA PRO B 399 -9.12 -8.55 -9.26
C PRO B 399 -9.01 -7.87 -10.61
N TYR B 400 -8.44 -6.67 -10.59
CA TYR B 400 -8.09 -5.98 -11.83
C TYR B 400 -7.21 -6.88 -12.68
N TRP B 401 -7.69 -7.21 -13.88
CA TRP B 401 -7.02 -8.19 -14.71
C TRP B 401 -7.08 -7.76 -16.17
N HIS B 402 -8.29 -7.45 -16.65
CA HIS B 402 -8.46 -6.89 -17.99
C HIS B 402 -7.92 -5.47 -17.98
N GLN B 403 -6.79 -5.27 -18.65
CA GLN B 403 -6.11 -3.97 -18.62
C GLN B 403 -6.92 -2.91 -19.35
N SER B 404 -6.96 -1.71 -18.79
CA SER B 404 -7.52 -0.59 -19.51
C SER B 404 -6.54 -0.09 -20.55
N MET B 405 -7.07 0.58 -21.57
CA MET B 405 -6.25 1.08 -22.67
C MET B 405 -6.66 2.50 -22.99
N PHE B 406 -5.84 3.15 -23.82
CA PHE B 406 -6.18 4.46 -24.35
C PHE B 406 -5.63 4.59 -25.75
N TRP B 407 -6.14 5.57 -26.49
CA TRP B 407 -5.71 5.78 -27.86
C TRP B 407 -5.79 7.26 -28.19
N SER B 408 -5.13 7.63 -29.28
CA SER B 408 -5.08 9.02 -29.71
C SER B 408 -4.96 9.05 -31.23
N ASP B 409 -6.04 9.43 -31.91
CA ASP B 409 -6.00 9.59 -33.36
C ASP B 409 -5.24 10.87 -33.70
N LEU B 410 -4.17 10.74 -34.47
CA LEU B 410 -3.34 11.88 -34.84
C LEU B 410 -3.38 12.16 -36.34
N GLY B 415 -2.75 7.33 -36.03
CA GLY B 415 -3.15 7.14 -34.65
C GLY B 415 -2.48 5.94 -33.98
N TYR B 416 -2.54 5.89 -32.65
CA TYR B 416 -1.88 4.83 -31.91
C TYR B 416 -2.75 4.38 -30.74
N GLU B 417 -2.55 3.13 -30.33
CA GLU B 417 -3.18 2.54 -29.16
C GLU B 417 -2.11 2.25 -28.11
N ALA B 418 -2.54 2.07 -26.86
CA ALA B 418 -1.58 1.94 -25.77
C ALA B 418 -2.19 1.17 -24.62
N ILE B 419 -1.34 0.45 -23.89
CA ILE B 419 -1.77 -0.40 -22.79
C ILE B 419 -0.60 -0.57 -21.83
N GLY B 420 -0.92 -0.57 -20.54
CA GLY B 420 0.08 -0.85 -19.52
C GLY B 420 0.80 0.37 -18.99
N LEU B 421 2.07 0.19 -18.62
CA LEU B 421 2.88 1.25 -18.03
C LEU B 421 3.58 1.99 -19.17
N VAL B 422 2.89 2.99 -19.72
CA VAL B 422 3.42 3.79 -20.82
C VAL B 422 4.08 5.02 -20.19
N ASP B 423 5.37 4.88 -19.89
CA ASP B 423 6.16 5.92 -19.24
C ASP B 423 7.50 6.02 -19.94
N SER B 424 7.80 7.20 -20.49
CA SER B 424 9.03 7.36 -21.26
C SER B 424 10.28 7.21 -20.39
N SER B 425 10.14 7.30 -19.07
CA SER B 425 11.28 7.13 -18.18
C SER B 425 11.79 5.69 -18.16
N LEU B 426 10.99 4.73 -18.61
CA LEU B 426 11.41 3.35 -18.69
C LEU B 426 12.20 3.10 -19.97
N PRO B 427 13.04 2.06 -19.99
CA PRO B 427 13.68 1.67 -21.25
C PRO B 427 12.62 1.30 -22.29
N THR B 428 12.82 1.79 -23.52
CA THR B 428 11.91 1.54 -24.62
C THR B 428 12.66 0.90 -25.78
N VAL B 429 11.95 0.05 -26.51
CA VAL B 429 12.46 -0.56 -27.74
C VAL B 429 11.36 -0.46 -28.78
N GLY B 430 11.56 0.38 -29.79
CA GLY B 430 10.60 0.54 -30.87
C GLY B 430 11.03 -0.25 -32.09
N VAL B 431 10.09 -1.01 -32.63
CA VAL B 431 10.32 -1.85 -33.81
C VAL B 431 9.34 -1.38 -34.89
N PHE B 432 9.87 -0.78 -35.95
CA PHE B 432 9.06 -0.20 -37.01
C PHE B 432 9.34 -0.89 -38.33
N ALA B 433 8.33 -0.86 -39.21
CA ALA B 433 8.44 -1.49 -40.52
C ALA B 433 8.74 -0.43 -41.58
N LYS B 486 4.06 2.20 -39.32
CA LYS B 486 3.62 1.07 -38.52
C LYS B 486 4.74 0.59 -37.61
N GLY B 487 4.44 0.41 -36.32
CA GLY B 487 5.44 -0.07 -35.39
C GLY B 487 4.86 -0.36 -34.03
N VAL B 488 5.66 -1.02 -33.20
CA VAL B 488 5.29 -1.37 -31.84
C VAL B 488 6.43 -0.94 -30.93
N ILE B 489 6.10 -0.26 -29.84
CA ILE B 489 7.07 0.24 -28.87
C ILE B 489 6.86 -0.52 -27.57
N PHE B 490 7.90 -1.22 -27.13
CA PHE B 490 7.87 -2.01 -25.90
C PHE B 490 8.48 -1.20 -24.77
N TYR B 491 7.75 -1.07 -23.67
CA TYR B 491 8.26 -0.47 -22.44
C TYR B 491 8.71 -1.60 -21.52
N LEU B 492 9.98 -1.57 -21.12
CA LEU B 492 10.61 -2.68 -20.43
C LEU B 492 10.96 -2.33 -18.99
N ARG B 493 10.88 -3.34 -18.13
CA ARG B 493 11.33 -3.21 -16.75
C ARG B 493 11.83 -4.57 -16.30
N ASP B 494 13.12 -4.67 -15.98
CA ASP B 494 13.73 -5.93 -15.61
C ASP B 494 13.61 -6.95 -16.73
N LYS B 495 13.81 -6.49 -17.97
CA LYS B 495 13.75 -7.30 -19.18
C LYS B 495 12.35 -7.84 -19.47
N VAL B 496 11.33 -7.33 -18.79
CA VAL B 496 9.95 -7.75 -19.01
C VAL B 496 9.19 -6.61 -19.65
N VAL B 497 8.29 -6.94 -20.58
CA VAL B 497 7.45 -5.95 -21.24
C VAL B 497 6.34 -5.58 -20.28
N VAL B 498 6.33 -4.32 -19.84
CA VAL B 498 5.29 -3.80 -18.95
C VAL B 498 4.39 -2.79 -19.65
N GLY B 499 4.74 -2.32 -20.84
CA GLY B 499 3.91 -1.38 -21.57
C GLY B 499 4.13 -1.53 -23.05
N ILE B 500 3.07 -1.31 -23.82
CA ILE B 500 3.12 -1.45 -25.26
C ILE B 500 2.36 -0.29 -25.88
N VAL B 501 2.90 0.25 -26.97
CA VAL B 501 2.23 1.26 -27.79
C VAL B 501 2.19 0.75 -29.21
N LEU B 502 0.99 0.63 -29.77
CA LEU B 502 0.80 0.17 -31.14
C LEU B 502 0.65 1.40 -32.01
N TRP B 503 1.69 1.71 -32.78
CA TRP B 503 1.73 2.89 -33.63
C TRP B 503 1.23 2.51 -35.03
N ASN B 504 0.01 2.94 -35.37
CA ASN B 504 -0.61 2.62 -36.65
C ASN B 504 -0.68 1.10 -36.85
N ILE B 505 -1.02 0.37 -35.80
CA ILE B 505 -1.30 -1.05 -35.86
C ILE B 505 -2.65 -1.28 -35.20
N PHE B 506 -3.56 -1.93 -35.90
CA PHE B 506 -4.94 -2.05 -35.47
C PHE B 506 -5.37 -3.50 -35.40
N ASN B 507 -6.33 -3.77 -34.52
CA ASN B 507 -6.87 -5.12 -34.32
C ASN B 507 -5.80 -6.06 -33.77
N ARG B 508 -4.91 -5.55 -32.92
CA ARG B 508 -3.87 -6.36 -32.32
C ARG B 508 -3.73 -6.11 -30.82
N MET B 509 -4.63 -5.32 -30.22
CA MET B 509 -4.57 -5.11 -28.78
C MET B 509 -4.68 -6.41 -27.99
N PRO B 510 -5.52 -7.38 -28.37
CA PRO B 510 -5.51 -8.66 -27.66
C PRO B 510 -4.13 -9.31 -27.61
N ILE B 511 -3.33 -9.16 -28.67
CA ILE B 511 -1.97 -9.69 -28.64
C ILE B 511 -1.15 -8.96 -27.57
N ALA B 512 -1.32 -7.63 -27.48
CA ALA B 512 -0.60 -6.87 -26.48
C ALA B 512 -1.03 -7.24 -25.07
N ARG B 513 -2.32 -7.55 -24.89
CA ARG B 513 -2.81 -7.98 -23.59
C ARG B 513 -2.13 -9.28 -23.16
N LYS B 514 -1.92 -10.21 -24.10
CA LYS B 514 -1.28 -11.47 -23.76
C LYS B 514 0.17 -11.27 -23.36
N ILE B 515 0.89 -10.39 -24.05
CA ILE B 515 2.28 -10.12 -23.70
C ILE B 515 2.38 -9.54 -22.30
N ILE B 516 1.57 -8.52 -22.00
CA ILE B 516 1.55 -7.95 -20.65
C ILE B 516 1.18 -9.01 -19.63
N LYS B 517 0.21 -9.86 -19.97
CA LYS B 517 -0.27 -10.87 -19.03
C LYS B 517 0.75 -11.99 -18.84
N ASP B 518 1.48 -12.36 -19.90
CA ASP B 518 2.45 -13.45 -19.79
C ASP B 518 3.59 -13.08 -18.85
N GLY B 519 4.12 -11.87 -18.98
CA GLY B 519 5.25 -11.46 -18.16
C GLY B 519 6.54 -12.17 -18.50
N GLU B 520 6.71 -12.58 -19.76
CA GLU B 520 7.92 -13.29 -20.15
C GLU B 520 9.10 -12.33 -20.25
N GLN B 521 10.29 -12.88 -20.03
CA GLN B 521 11.56 -12.20 -20.31
C GLN B 521 12.01 -12.67 -21.69
N HIS B 522 11.54 -11.99 -22.73
CA HIS B 522 11.82 -12.42 -24.09
C HIS B 522 13.29 -12.20 -24.42
N GLU B 523 13.85 -13.12 -25.22
CA GLU B 523 15.23 -13.03 -25.63
C GLU B 523 15.42 -12.20 -26.90
N ASP B 524 14.36 -11.98 -27.67
CA ASP B 524 14.46 -11.20 -28.91
C ASP B 524 13.11 -10.54 -29.15
N LEU B 525 13.03 -9.22 -28.93
CA LEU B 525 11.79 -8.51 -29.15
C LEU B 525 11.44 -8.35 -30.61
N ASN B 526 12.40 -8.56 -31.52
CA ASN B 526 12.07 -8.54 -32.94
C ASN B 526 11.17 -9.72 -33.31
N GLU B 527 11.29 -10.83 -32.59
CA GLU B 527 10.37 -11.95 -32.81
C GLU B 527 8.98 -11.64 -32.26
N VAL B 528 8.92 -10.97 -31.10
CA VAL B 528 7.65 -10.53 -30.55
C VAL B 528 6.98 -9.55 -31.50
N ALA B 529 7.77 -8.76 -32.22
CA ALA B 529 7.19 -7.83 -33.19
C ALA B 529 6.43 -8.58 -34.29
N LYS B 530 6.87 -9.80 -34.62
CA LYS B 530 6.18 -10.58 -35.64
C LYS B 530 4.74 -10.88 -35.23
N LEU B 531 4.44 -10.88 -33.93
CA LEU B 531 3.06 -11.05 -33.48
C LEU B 531 2.17 -9.90 -33.90
N PHE B 532 2.75 -8.74 -34.20
CA PHE B 532 2.02 -7.60 -34.71
C PHE B 532 2.23 -7.39 -36.20
N ASN B 533 2.67 -8.43 -36.91
CA ASN B 533 2.88 -8.36 -38.36
C ASN B 533 3.94 -7.32 -38.73
N ILE B 534 5.06 -7.37 -38.01
CA ILE B 534 6.21 -6.50 -38.27
C ILE B 534 7.36 -7.43 -38.62
N HIS B 535 7.65 -7.56 -39.91
CA HIS B 535 8.62 -8.54 -40.39
C HIS B 535 9.77 -7.93 -41.19
N GLU B 536 9.46 -7.16 -42.23
CA GLU B 536 10.46 -6.71 -43.18
C GLU B 536 10.88 -5.27 -42.91
N ASP B 537 12.08 -4.93 -43.39
CA ASP B 537 12.62 -3.58 -43.26
C ASP B 537 12.52 -3.07 -41.83
N LEU B 538 13.00 -3.89 -40.89
CA LEU B 538 12.88 -3.58 -39.47
C LEU B 538 13.90 -2.52 -39.07
N GLU B 539 13.42 -1.45 -38.44
CA GLU B 539 14.24 -0.39 -37.89
C GLU B 539 13.99 -0.38 -36.39
N VAL B 540 14.94 -0.90 -35.61
CA VAL B 540 14.80 -0.99 -34.17
C VAL B 540 15.43 0.24 -33.52
N LEU B 541 14.67 0.90 -32.65
CA LEU B 541 15.12 2.10 -31.95
C LEU B 541 15.18 1.83 -30.45
N PHE B 542 16.10 2.53 -29.78
CA PHE B 542 16.34 2.34 -28.35
C PHE B 542 16.33 3.68 -27.64
N GLN B 543 15.91 3.67 -26.38
CA GLN B 543 15.91 4.88 -25.56
C GLN B 543 15.69 4.53 -24.09
PA FAD C . 5.69 -17.20 14.22
O1A FAD C . 5.63 -17.37 15.74
O2A FAD C . 7.03 -17.11 13.61
O5B FAD C . 4.84 -18.37 13.58
C5B FAD C . 4.86 -18.62 12.16
C4B FAD C . 4.95 -20.11 11.96
O4B FAD C . 4.58 -20.37 10.59
C3B FAD C . 6.40 -20.59 12.10
O3B FAD C . 6.32 -21.88 12.69
C2B FAD C . 6.83 -20.79 10.63
O2B FAD C . 7.66 -21.95 10.58
C1B FAD C . 5.51 -21.27 10.04
N9A FAD C . 5.46 -21.11 8.60
C8A FAD C . 6.06 -20.14 7.84
N7A FAD C . 5.84 -20.27 6.55
C5A FAD C . 5.05 -21.39 6.46
C6A FAD C . 4.45 -22.05 5.37
N6A FAD C . 4.60 -21.67 4.09
N1A FAD C . 3.72 -23.16 5.62
C2A FAD C . 3.57 -23.56 6.89
N3A FAD C . 4.07 -23.00 8.00
C4A FAD C . 4.80 -21.93 7.72
N1 FAD C . 7.74 -10.76 21.72
C2 FAD C . 7.36 -10.10 22.80
O2 FAD C . 6.49 -9.27 22.78
N3 FAD C . 7.95 -10.33 24.07
C4 FAD C . 8.95 -11.25 24.24
O4 FAD C . 9.43 -11.42 25.34
C4X FAD C . 9.36 -12.00 23.05
N5 FAD C . 10.32 -12.88 23.18
C5X FAD C . 10.69 -13.56 22.03
C6 FAD C . 11.77 -14.58 22.12
C7 FAD C . 12.18 -15.29 21.02
C7M FAD C . 13.28 -16.32 21.17
C8 FAD C . 11.58 -15.06 19.74
C8M FAD C . 12.01 -15.82 18.50
C9 FAD C . 10.56 -14.11 19.59
C9A FAD C . 10.09 -13.33 20.77
N10 FAD C . 9.07 -12.34 20.71
C10 FAD C . 8.70 -11.69 21.82
C1' FAD C . 8.42 -12.08 19.41
C2' FAD C . 7.18 -13.00 19.25
O2' FAD C . 7.55 -14.32 19.61
C3' FAD C . 6.81 -12.97 17.78
O3' FAD C . 6.32 -11.65 17.51
C4' FAD C . 5.70 -13.99 17.50
O4' FAD C . 6.22 -15.32 17.52
C5' FAD C . 5.08 -13.70 16.16
O5' FAD C . 3.94 -14.75 15.91
P FAD C . 3.57 -15.18 14.50
O1P FAD C . 3.40 -13.87 13.75
O2P FAD C . 2.43 -16.11 14.52
O3P FAD C . 4.83 -15.91 13.88
H51A FAD C . 5.57 -18.14 11.71
H52A FAD C . 4.12 -18.22 11.69
H4B FAD C . 4.37 -20.61 12.55
H3B FAD C . 6.96 -19.94 12.54
HO3A FAD C . 5.61 -22.29 12.50
H2B FAD C . 7.20 -19.98 10.25
HO2A FAD C . 7.45 -22.52 11.17
H1B FAD C . 5.32 -22.19 10.29
H8A FAD C . 6.58 -19.46 8.20
H61A FAD C . 4.11 -21.11 3.60
H62A FAD C . 5.29 -22.03 3.67
H2A FAD C . 3.06 -24.32 7.01
HN3 FAD C . 7.69 -9.88 24.76
H6 FAD C . 12.18 -14.76 22.94
HM71 FAD C . 13.56 -16.84 20.40
HM72 FAD C . 13.17 -17.07 21.78
HM73 FAD C . 14.16 -16.05 21.47
HM81 FAD C . 11.60 -15.66 17.63
HM82 FAD C . 11.93 -16.78 18.45
HM83 FAD C . 12.93 -15.79 18.18
H9 FAD C . 10.17 -13.96 18.74
H1'1 FAD C . 9.04 -12.17 18.68
H1'2 FAD C . 8.19 -11.14 19.31
H2' FAD C . 6.44 -12.71 19.80
HO2' FAD C . 7.88 -14.70 18.92
H3' FAD C . 7.56 -13.18 17.21
HO3' FAD C . 6.98 -11.18 17.24
H4' FAD C . 5.03 -13.93 18.20
HO4' FAD C . 5.60 -15.90 17.49
H5'1 FAD C . 5.73 -13.69 15.44
H5'2 FAD C . 4.76 -12.79 16.08
C02 QD1 D . 10.08 -7.88 23.80
C03 QD1 D . 9.20 -6.92 23.32
C04 QD1 D . 8.94 -6.78 21.93
C06 QD1 D . 10.46 -8.59 21.50
C07 QD1 D . 11.08 -9.44 20.49
C08 QD1 D . 12.01 -10.44 20.91
C09 QD1 D . 12.28 -10.59 22.29
C11 QD1 D . 11.67 -9.77 23.27
C12 QD1 D . 10.75 -8.76 22.83
N01 QD1 D . 10.31 -7.96 25.23
N05 QD1 D . 9.57 -7.62 21.00
CL10 QD1 D . 13.44 -11.85 22.84
H031 QD1 D . 8.64 -6.21 23.96
H041 QD1 D . 8.26 -6.05 21.51
H071 QD1 D . 10.90 -9.34 19.43
H081 QD1 D . 12.49 -11.09 20.17
H111 QD1 D . 11.91 -9.93 24.29
H012 QD1 D . 9.65 -8.35 25.85
H011 QD1 D . 11.13 -7.62 25.65
C1 EDO E . -3.79 -1.51 0.39
O1 EDO E . -5.22 -1.39 0.29
C2 EDO E . -3.43 -2.71 1.28
O2 EDO E . -3.86 -3.93 0.65
H11 EDO E . -3.37 -0.60 0.81
H12 EDO E . -3.36 -1.65 -0.60
HO1 EDO E . -5.44 -0.62 -0.26
H21 EDO E . -3.91 -2.60 2.25
H22 EDO E . -2.35 -2.73 1.44
HO2 EDO E . -3.66 -4.67 1.22
PA FAD F . -14.66 12.40 -12.86
O1A FAD F . -15.10 12.24 -14.31
O2A FAD F . -13.84 13.61 -12.59
O5B FAD F . -15.96 12.33 -11.97
C5B FAD F . -15.92 12.64 -10.56
C4B FAD F . -17.14 13.46 -10.25
O4B FAD F . -17.31 13.41 -8.81
C3B FAD F . -16.91 14.93 -10.58
O3B FAD F . -18.18 15.47 -10.91
C2B FAD F . -16.55 15.53 -9.21
O2B FAD F . -17.08 16.85 -9.18
C1B FAD F . -17.49 14.72 -8.33
N9A FAD F . -17.09 14.73 -6.93
C8A FAD F . -15.82 14.81 -6.42
N7A FAD F . -15.78 14.80 -5.11
C5A FAD F . -17.11 14.71 -4.73
C6A FAD F . -17.75 14.65 -3.47
N6A FAD F . -17.10 14.68 -2.31
N1A FAD F . -19.09 14.55 -3.46
C2A FAD F . -19.76 14.51 -4.61
N3A FAD F . -19.26 14.56 -5.86
C4A FAD F . -17.94 14.66 -5.85
N1 FAD F . -9.24 10.02 -21.20
C2 FAD F . -8.99 9.23 -22.23
O2 FAD F . -8.68 8.08 -22.10
N3 FAD F . -9.08 9.68 -23.58
C4 FAD F . -9.43 10.98 -23.85
O4 FAD F . -9.50 11.36 -25.01
C4X FAD F . -9.71 11.85 -22.71
N5 FAD F . -10.04 13.10 -22.96
C5X FAD F . -10.31 13.89 -21.87
C6 FAD F . -10.69 15.31 -22.11
C7 FAD F . -10.96 16.15 -21.08
C7M FAD F . -11.35 17.59 -21.36
C8 FAD F . -10.87 15.70 -19.71
C8M FAD F . -11.17 16.61 -18.54
C9 FAD F . -10.51 14.37 -19.41
C9A FAD F . -10.22 13.43 -20.53
N10 FAD F . -9.84 12.06 -20.35
C10 FAD F . -9.59 11.28 -21.40
C1' FAD F . -9.74 11.54 -18.97
C2' FAD F . -11.09 10.93 -18.51
O2' FAD F . -12.12 11.89 -18.75
C3' FAD F . -11.01 10.67 -17.01
O3' FAD F . -10.17 9.52 -16.84
C4' FAD F . -12.39 10.33 -16.42
O4' FAD F . -13.28 11.44 -16.54
C5' FAD F . -12.23 9.95 -14.97
O5' FAD F . -13.60 9.46 -14.40
P FAD F . -13.95 9.54 -12.92
O1P FAD F . -12.81 8.81 -12.22
O2P FAD F . -15.30 8.98 -12.67
O3P FAD F . -13.90 11.06 -12.47
H51A FAD F . -15.09 13.09 -10.30
H52A FAD F . -15.83 11.86 -10.00
H4B FAD F . -17.95 13.13 -10.67
H3B FAD F . -16.20 15.05 -11.23
HO3A FAD F . -18.82 15.02 -10.57
H2B FAD F . -15.61 15.44 -8.99
HO2A FAD F . -17.80 16.91 -9.63
H1B FAD F . -18.41 15.01 -8.42
H8A FAD F . -15.07 14.88 -6.95
H61A FAD F . -16.30 14.35 -2.08
H62A FAD F . -17.53 15.11 -1.66
H2A FAD F . -20.67 14.44 -4.55
HN3 FAD F . -8.91 9.16 -24.24
H6 FAD F . -10.76 15.64 -22.98
HM71 FAD F . -11.58 18.19 -20.63
HM72 FAD F . -10.74 18.19 -21.81
HM73 FAD F . -12.13 17.78 -21.91
HM81 FAD F . -11.21 16.27 -17.63
HM82 FAD F . -12.00 17.12 -18.48
HM83 FAD F . -10.58 17.35 -18.32
H9 FAD F . -10.46 14.09 -18.54
H1'1 FAD F . -9.43 12.22 -18.35
H1'2 FAD F . -9.02 10.90 -18.88
H2' FAD F . -11.28 10.10 -18.98
HO2' FAD F . -12.11 12.45 -18.12
H3' FAD F . -10.67 11.45 -16.56
HO3' FAD F . -9.42 9.79 -16.53
H4' FAD F . -12.77 9.59 -16.92
HO4' FAD F . -13.08 12.06 -15.99
H5'1 FAD F . -11.53 9.30 -14.84
H5'2 FAD F . -11.85 10.67 -14.44
C02 QD1 G . -6.06 10.41 -24.29
C03 QD1 G . -5.56 9.15 -23.95
C04 QD1 G . -5.21 8.85 -22.59
C06 QD1 G . -5.88 11.06 -21.94
C07 QD1 G . -6.01 12.01 -20.84
C08 QD1 G . -6.52 13.32 -21.12
C09 QD1 G . -6.87 13.64 -22.44
C11 QD1 G . -6.74 12.73 -23.52
C12 QD1 G . -6.22 11.41 -23.23
N01 QD1 G . -6.40 10.65 -25.68
N05 QD1 G . -5.37 9.80 -21.58
CL10 QD1 G . -7.51 15.28 -22.80
H031 QD1 G . -5.39 8.33 -24.66
H041 QD1 G . -4.81 7.89 -22.26
H071 QD1 G . -5.75 11.79 -19.82
H081 QD1 G . -6.64 14.04 -20.31
H111 QD1 G . -7.03 13.03 -24.49
H012 QD1 G . -7.28 10.44 -26.06
H011 QD1 G . -5.75 11.04 -26.32
#